data_5VGR
#
_entry.id   5VGR
#
_cell.length_a   130.666
_cell.length_b   57.057
_cell.length_c   143.423
_cell.angle_alpha   90.00
_cell.angle_beta   116.22
_cell.angle_gamma   90.00
#
_symmetry.space_group_name_H-M   'C 1 2 1'
#
loop_
_entity.id
_entity.type
_entity.pdbx_description
1 polymer Atlastin-3
2 non-polymer "GUANOSINE-5'-DIPHOSPHATE"
3 water water
#
_entity_poly.entity_id   1
_entity_poly.type   'polypeptide(L)'
_entity_poly.pdbx_seq_one_letter_code
;SSKPGPVQVVLVQKDQHSFELDEKALASILLQDHIRDLDVVVVSVAGAFRKGKSFILDFMLRYLYSQKESGHSNWLGDPE
EPLTGFSWRGGSDPETTGIQIWSEVFTVEKPGGKKVAVVLMDTQGAFDSQSTVKDCATIFALSTMTSSVQIYNLSQNIQE
DDLQQLQLFTEYGRLAMDEIFQKPFQTLMFLVRDWSFPYEYSYGLQGGMAFLDKRLQVKEHQHEEIQNVRNHIHSCFSDV
TCFLLPHPGLQVATSPDFDGKLKDIAGEFKEQLQALIPYVLNPSKLMEKEINGSKVTCRGLLEYFKAYIKIYQGEDLPHP
KSMLQATAEANNLAAAASAKDIYYNNMEEVCGGEKPYLSPDILEEKHCEFKQLALDHFKKTKKMGGKDFSFRYQQELEEE
IKELYENFCKHNGSKNVFSTFRAALHHHHHH
;
_entity_poly.pdbx_strand_id   A,B
#
# COMPACT_ATOMS: atom_id res chain seq x y z
N SER A 2 -11.24 -18.46 -8.68
CA SER A 2 -12.51 -18.58 -7.96
C SER A 2 -12.42 -19.62 -6.85
N LYS A 3 -11.20 -20.13 -6.60
CA LYS A 3 -11.00 -21.17 -5.60
C LYS A 3 -10.58 -20.53 -4.29
N PRO A 4 -11.19 -20.90 -3.16
CA PRO A 4 -10.82 -20.29 -1.88
C PRO A 4 -9.36 -20.58 -1.53
N GLY A 5 -8.75 -19.65 -0.80
CA GLY A 5 -7.38 -19.81 -0.38
C GLY A 5 -6.97 -18.76 0.62
N PRO A 6 -5.75 -18.86 1.13
CA PRO A 6 -5.29 -17.88 2.12
C PRO A 6 -5.04 -16.53 1.48
N VAL A 7 -5.37 -15.47 2.20
CA VAL A 7 -5.15 -14.10 1.75
C VAL A 7 -4.20 -13.44 2.73
N GLN A 8 -3.08 -12.96 2.23
CA GLN A 8 -2.12 -12.22 3.05
C GLN A 8 -2.68 -10.86 3.36
N VAL A 9 -2.88 -10.56 4.64
CA VAL A 9 -3.44 -9.27 5.05
C VAL A 9 -2.43 -8.41 5.83
N VAL A 10 -1.51 -9.01 6.59
CA VAL A 10 -0.41 -8.27 7.19
C VAL A 10 0.89 -8.89 6.74
N LEU A 11 1.80 -8.07 6.22
CA LEU A 11 3.04 -8.55 5.63
C LEU A 11 4.15 -7.56 5.91
N VAL A 12 5.36 -8.00 5.61
CA VAL A 12 6.56 -7.16 5.60
C VAL A 12 6.64 -6.39 4.29
N SER A 18 9.26 -2.20 8.04
CA SER A 18 8.10 -2.29 8.94
C SER A 18 7.03 -3.21 8.37
N PHE A 19 5.81 -3.11 8.90
CA PHE A 19 4.71 -3.94 8.48
C PHE A 19 3.67 -3.12 7.73
N GLU A 20 2.99 -3.78 6.80
CA GLU A 20 1.98 -3.12 5.99
C GLU A 20 0.69 -3.90 6.07
N LEU A 21 -0.42 -3.19 6.15
CA LEU A 21 -1.73 -3.79 5.98
C LEU A 21 -2.12 -3.69 4.51
N ASP A 22 -2.44 -4.84 3.89
CA ASP A 22 -3.02 -4.83 2.55
C ASP A 22 -4.51 -4.57 2.71
N GLU A 23 -4.87 -3.29 2.73
CA GLU A 23 -6.22 -2.87 3.08
C GLU A 23 -7.22 -3.28 2.01
N LYS A 24 -6.85 -3.16 0.73
CA LYS A 24 -7.72 -3.57 -0.35
C LYS A 24 -8.05 -5.06 -0.27
N ALA A 25 -7.04 -5.90 -0.08
CA ALA A 25 -7.31 -7.33 0.04
C ALA A 25 -8.19 -7.63 1.25
N LEU A 26 -7.95 -6.97 2.39
CA LEU A 26 -8.78 -7.20 3.57
C LEU A 26 -10.20 -6.68 3.36
N ALA A 27 -10.34 -5.48 2.77
CA ALA A 27 -11.67 -4.92 2.54
C ALA A 27 -12.47 -5.77 1.58
N SER A 28 -11.81 -6.34 0.58
CA SER A 28 -12.53 -7.16 -0.40
C SER A 28 -13.15 -8.39 0.25
N ILE A 29 -12.59 -8.85 1.36
CA ILE A 29 -13.19 -9.96 2.09
C ILE A 29 -14.26 -9.48 3.08
N LEU A 30 -13.94 -8.48 3.89
CA LEU A 30 -14.82 -8.08 4.98
C LEU A 30 -16.00 -7.22 4.54
N LEU A 31 -15.93 -6.53 3.41
CA LEU A 31 -17.11 -5.73 3.07
C LEU A 31 -17.98 -6.36 2.00
N GLN A 32 -17.90 -7.68 1.82
CA GLN A 32 -18.88 -8.36 0.99
C GLN A 32 -20.29 -8.12 1.53
N ASP A 33 -21.25 -8.03 0.61
CA ASP A 33 -22.61 -7.64 0.98
C ASP A 33 -23.25 -8.65 1.93
N HIS A 34 -22.93 -9.92 1.81
CA HIS A 34 -23.66 -10.91 2.59
C HIS A 34 -23.08 -11.10 3.99
N ILE A 35 -21.95 -10.47 4.33
CA ILE A 35 -21.41 -10.59 5.70
C ILE A 35 -21.10 -9.25 6.34
N ARG A 36 -21.01 -8.15 5.60
CA ARG A 36 -20.46 -6.92 6.17
C ARG A 36 -21.26 -6.43 7.38
N ASP A 37 -22.56 -6.74 7.45
CA ASP A 37 -23.37 -6.31 8.59
C ASP A 37 -23.39 -7.31 9.75
N LEU A 38 -22.83 -8.51 9.58
CA LEU A 38 -22.90 -9.55 10.62
C LEU A 38 -21.81 -9.37 11.67
N ASP A 39 -22.15 -9.65 12.93
CA ASP A 39 -21.13 -9.80 13.96
C ASP A 39 -20.17 -10.91 13.55
N VAL A 40 -18.88 -10.70 13.77
CA VAL A 40 -17.83 -11.56 13.22
C VAL A 40 -17.15 -12.35 14.33
N VAL A 41 -16.92 -13.63 14.09
CA VAL A 41 -16.13 -14.49 14.97
C VAL A 41 -14.74 -14.60 14.36
N VAL A 42 -13.70 -14.30 15.14
CA VAL A 42 -12.35 -14.30 14.60
C VAL A 42 -11.50 -15.28 15.40
N VAL A 43 -11.15 -16.40 14.77
CA VAL A 43 -10.37 -17.45 15.42
C VAL A 43 -8.96 -17.40 14.85
N SER A 44 -7.99 -17.08 15.69
CA SER A 44 -6.59 -16.95 15.31
C SER A 44 -5.79 -18.11 15.87
N VAL A 45 -4.91 -18.69 15.03
CA VAL A 45 -3.90 -19.65 15.48
C VAL A 45 -2.54 -18.99 15.30
N ALA A 46 -1.79 -18.87 16.40
CA ALA A 46 -0.58 -18.07 16.44
C ALA A 46 0.57 -18.84 17.07
N GLY A 47 1.75 -18.73 16.49
CA GLY A 47 2.92 -19.36 17.06
C GLY A 47 4.05 -19.44 16.05
N ALA A 48 5.11 -20.13 16.46
CA ALA A 48 6.33 -20.18 15.67
C ALA A 48 6.11 -21.03 14.41
N PHE A 49 6.96 -20.76 13.42
CA PHE A 49 6.96 -21.51 12.17
C PHE A 49 7.20 -22.99 12.44
N ARG A 50 6.59 -23.84 11.61
CA ARG A 50 6.84 -25.27 11.61
C ARG A 50 6.40 -25.95 12.91
N LYS A 51 5.32 -25.47 13.54
CA LYS A 51 4.83 -26.06 14.78
C LYS A 51 3.45 -26.72 14.59
N GLY A 52 3.03 -26.96 13.35
CA GLY A 52 1.75 -27.61 13.12
C GLY A 52 0.53 -26.70 13.10
N LYS A 53 0.73 -25.38 13.00
CA LYS A 53 -0.42 -24.47 12.98
C LYS A 53 -1.35 -24.75 11.80
N SER A 54 -0.78 -24.98 10.62
CA SER A 54 -1.61 -25.14 9.43
C SER A 54 -2.30 -26.50 9.39
N PHE A 55 -1.73 -27.52 10.04
CA PHE A 55 -2.42 -28.79 10.20
C PHE A 55 -3.73 -28.61 10.95
N ILE A 56 -3.72 -27.80 12.02
CA ILE A 56 -4.93 -27.54 12.80
C ILE A 56 -5.90 -26.67 12.02
N LEU A 57 -5.38 -25.64 11.35
CA LEU A 57 -6.22 -24.80 10.49
C LEU A 57 -6.94 -25.65 9.44
N ASP A 58 -6.24 -26.65 8.88
CA ASP A 58 -6.88 -27.52 7.88
C ASP A 58 -8.08 -28.27 8.46
N PHE A 59 -7.97 -28.78 9.69
CA PHE A 59 -9.10 -29.48 10.29
C PHE A 59 -10.23 -28.52 10.65
N MET A 60 -9.90 -27.29 11.03
CA MET A 60 -10.95 -26.29 11.23
C MET A 60 -11.71 -26.02 9.95
N LEU A 61 -11.00 -25.96 8.81
CA LEU A 61 -11.69 -25.82 7.53
C LEU A 61 -12.53 -27.03 7.20
N ARG A 62 -12.02 -28.24 7.47
CA ARG A 62 -12.82 -29.43 7.18
C ARG A 62 -14.11 -29.41 7.97
N TYR A 63 -14.05 -28.97 9.23
CA TYR A 63 -15.25 -28.83 10.04
C TYR A 63 -16.19 -27.77 9.45
N LEU A 64 -15.65 -26.61 9.07
CA LEU A 64 -16.48 -25.54 8.57
C LEU A 64 -17.12 -25.90 7.22
N TYR A 65 -16.35 -26.52 6.31
CA TYR A 65 -16.94 -26.91 5.02
C TYR A 65 -17.94 -28.05 5.18
N SER A 66 -17.69 -29.00 6.08
CA SER A 66 -18.67 -30.04 6.37
C SER A 66 -19.95 -29.44 6.94
N GLN A 67 -19.81 -28.48 7.81
CA GLN A 67 -20.94 -27.80 8.36
C GLN A 67 -21.68 -27.05 7.24
N LYS A 68 -20.99 -26.41 6.33
CA LYS A 68 -21.63 -25.69 5.29
C LYS A 68 -22.46 -26.55 4.39
N GLU A 69 -22.01 -27.75 4.13
CA GLU A 69 -22.70 -28.60 3.23
C GLU A 69 -23.03 -29.95 3.77
N SER A 70 -24.10 -30.11 4.50
CA SER A 70 -24.43 -31.47 4.96
C SER A 70 -25.79 -31.93 4.44
N SER A 73 -21.40 -34.90 7.13
CA SER A 73 -21.49 -35.24 8.56
C SER A 73 -20.26 -35.88 9.22
N ASN A 74 -19.40 -36.54 8.47
CA ASN A 74 -18.22 -37.12 9.04
C ASN A 74 -17.12 -36.16 8.73
N TRP A 75 -17.08 -35.05 9.43
CA TRP A 75 -16.08 -34.05 9.14
C TRP A 75 -14.64 -34.48 9.14
N LEU A 76 -14.29 -35.41 9.98
CA LEU A 76 -12.92 -35.86 10.04
C LEU A 76 -12.51 -36.37 8.68
N GLY A 77 -13.42 -37.04 8.01
CA GLY A 77 -13.15 -37.53 6.67
C GLY A 77 -13.35 -39.04 6.57
N ASP A 78 -13.13 -39.54 5.36
CA ASP A 78 -13.21 -40.96 5.05
C ASP A 78 -11.89 -41.62 5.43
N PRO A 79 -11.86 -42.58 6.36
CA PRO A 79 -10.58 -43.17 6.77
C PRO A 79 -9.73 -43.68 5.62
N GLU A 80 -10.35 -44.11 4.51
CA GLU A 80 -9.57 -44.62 3.38
C GLU A 80 -8.97 -43.51 2.54
N GLU A 81 -9.62 -42.34 2.48
CA GLU A 81 -9.20 -41.28 1.57
C GLU A 81 -7.98 -40.54 2.13
N PRO A 82 -7.02 -40.19 1.28
CA PRO A 82 -5.88 -39.39 1.75
C PRO A 82 -6.32 -37.98 2.14
N LEU A 83 -5.53 -37.38 3.01
CA LEU A 83 -5.72 -35.97 3.34
C LEU A 83 -5.03 -35.10 2.30
N THR A 84 -5.63 -33.94 2.03
CA THR A 84 -5.02 -32.90 1.23
C THR A 84 -5.09 -31.61 2.04
N GLY A 85 -3.95 -30.94 2.19
CA GLY A 85 -3.92 -29.66 2.87
C GLY A 85 -4.62 -28.58 2.08
N PHE A 86 -4.84 -27.44 2.73
CA PHE A 86 -5.59 -26.35 2.14
C PHE A 86 -4.69 -25.20 1.67
N SER A 87 -3.37 -25.39 1.69
CA SER A 87 -2.39 -24.52 1.05
C SER A 87 -2.14 -23.22 1.80
N TRP A 88 -2.21 -23.25 3.14
CA TRP A 88 -1.82 -22.09 3.91
C TRP A 88 -0.35 -21.73 3.72
N ARG A 89 0.49 -22.71 3.34
CA ARG A 89 1.93 -22.51 3.19
C ARG A 89 2.37 -22.59 1.73
N GLY A 90 1.47 -22.28 0.80
CA GLY A 90 1.77 -22.50 -0.60
C GLY A 90 2.68 -21.44 -1.20
N GLY A 91 2.73 -20.25 -0.61
CA GLY A 91 3.42 -19.15 -1.23
C GLY A 91 4.93 -19.24 -1.13
N SER A 92 5.58 -18.28 -1.79
CA SER A 92 7.03 -18.13 -1.68
C SER A 92 7.41 -17.69 -0.27
N ASP A 93 8.53 -18.22 0.21
CA ASP A 93 9.03 -17.95 1.57
C ASP A 93 7.95 -18.28 2.60
N PRO A 94 7.60 -19.57 2.76
CA PRO A 94 6.50 -19.90 3.70
C PRO A 94 6.84 -19.63 5.15
N GLU A 95 8.13 -19.56 5.49
CA GLU A 95 8.59 -19.24 6.84
C GLU A 95 8.46 -17.75 7.17
N THR A 96 7.90 -16.96 6.28
CA THR A 96 7.80 -15.52 6.47
C THR A 96 6.83 -15.15 7.60
N THR A 97 7.09 -14.03 8.24
CA THR A 97 6.24 -13.51 9.30
C THR A 97 5.06 -12.73 8.73
N GLY A 98 3.88 -12.94 9.28
CA GLY A 98 2.72 -12.19 8.82
C GLY A 98 1.42 -12.85 9.24
N ILE A 99 0.33 -12.25 8.78
CA ILE A 99 -1.03 -12.69 9.10
C ILE A 99 -1.79 -12.96 7.81
N GLN A 100 -2.34 -14.16 7.69
CA GLN A 100 -3.26 -14.51 6.60
C GLN A 100 -4.63 -14.82 7.17
N ILE A 101 -5.68 -14.63 6.35
CA ILE A 101 -7.00 -15.16 6.69
C ILE A 101 -7.53 -15.92 5.48
N TRP A 102 -8.48 -16.81 5.75
CA TRP A 102 -9.11 -17.55 4.67
C TRP A 102 -10.06 -16.65 3.88
N SER A 103 -10.06 -16.82 2.55
CA SER A 103 -10.85 -15.96 1.69
C SER A 103 -12.35 -16.22 1.78
N GLU A 104 -12.75 -17.44 2.16
CA GLU A 104 -14.16 -17.75 2.34
C GLU A 104 -14.52 -17.54 3.82
N VAL A 105 -15.36 -16.53 4.07
CA VAL A 105 -15.97 -16.31 5.37
C VAL A 105 -17.26 -17.14 5.45
N PHE A 106 -17.40 -17.90 6.52
CA PHE A 106 -18.56 -18.77 6.69
C PHE A 106 -19.65 -18.05 7.48
N THR A 107 -20.91 -18.37 7.19
CA THR A 107 -22.04 -17.81 7.93
C THR A 107 -22.69 -18.95 8.69
N VAL A 108 -22.80 -18.81 10.01
CA VAL A 108 -23.31 -19.88 10.87
C VAL A 108 -24.45 -19.35 11.73
N GLU A 109 -25.51 -20.14 11.84
CA GLU A 109 -26.64 -19.81 12.70
C GLU A 109 -26.37 -20.33 14.12
N LYS A 110 -26.25 -19.42 15.08
CA LYS A 110 -26.16 -19.82 16.49
C LYS A 110 -27.55 -20.26 16.99
N PRO A 111 -27.61 -21.02 18.09
CA PRO A 111 -28.92 -21.43 18.62
C PRO A 111 -29.80 -20.20 18.88
N GLY A 112 -31.05 -20.27 18.43
CA GLY A 112 -31.95 -19.14 18.47
C GLY A 112 -32.02 -18.34 17.19
N GLY A 113 -31.08 -18.55 16.26
CA GLY A 113 -31.24 -18.07 14.90
C GLY A 113 -30.35 -16.92 14.49
N LYS A 114 -29.54 -16.37 15.39
CA LYS A 114 -28.65 -15.29 15.01
C LYS A 114 -27.53 -15.81 14.11
N LYS A 115 -27.33 -15.16 12.98
CA LYS A 115 -26.29 -15.53 12.03
C LYS A 115 -25.04 -14.70 12.26
N VAL A 116 -23.88 -15.37 12.31
CA VAL A 116 -22.59 -14.71 12.53
C VAL A 116 -21.61 -15.14 11.42
N ALA A 117 -20.63 -14.30 11.19
CA ALA A 117 -19.57 -14.55 10.23
C ALA A 117 -18.35 -15.13 10.95
N VAL A 118 -17.72 -16.14 10.37
CA VAL A 118 -16.59 -16.84 11.02
C VAL A 118 -15.37 -16.69 10.13
N VAL A 119 -14.35 -16.00 10.65
CA VAL A 119 -13.08 -15.76 9.97
C VAL A 119 -12.01 -16.65 10.63
N LEU A 120 -11.14 -17.23 9.80
CA LEU A 120 -9.99 -18.00 10.29
C LEU A 120 -8.71 -17.22 10.03
N MET A 121 -7.83 -17.14 11.03
CA MET A 121 -6.65 -16.29 10.95
C MET A 121 -5.40 -17.10 11.25
N ASP A 122 -4.39 -16.95 10.40
CA ASP A 122 -3.11 -17.68 10.50
C ASP A 122 -2.01 -16.68 10.85
N THR A 123 -1.48 -16.78 12.07
CA THR A 123 -0.55 -15.78 12.60
C THR A 123 0.82 -16.45 12.79
N GLN A 124 1.79 -16.05 11.97
CA GLN A 124 3.11 -16.68 11.98
C GLN A 124 4.21 -15.67 12.26
N GLY A 125 5.11 -16.04 13.18
CA GLY A 125 6.29 -15.25 13.47
C GLY A 125 7.36 -16.16 14.04
N ALA A 126 8.52 -15.56 14.34
CA ALA A 126 9.59 -16.33 14.97
C ALA A 126 9.19 -16.78 16.37
N PHE A 127 8.55 -15.92 17.12
CA PHE A 127 8.14 -16.20 18.48
C PHE A 127 9.31 -16.67 19.30
N ASP A 128 10.21 -15.76 19.57
CA ASP A 128 11.36 -16.08 20.36
C ASP A 128 11.86 -14.81 21.03
N SER A 129 11.88 -14.77 22.35
CA SER A 129 12.34 -13.58 23.05
C SER A 129 13.85 -13.52 23.05
N THR A 132 14.56 -12.37 19.88
CA THR A 132 15.13 -11.28 20.63
C THR A 132 15.30 -10.05 19.77
N VAL A 133 16.33 -10.09 18.93
CA VAL A 133 16.71 -8.99 18.05
C VAL A 133 15.62 -8.34 17.24
N LYS A 134 14.84 -9.13 16.49
CA LYS A 134 13.80 -8.53 15.65
C LYS A 134 12.39 -8.53 16.20
N ASP A 135 11.46 -8.06 15.40
CA ASP A 135 10.08 -8.00 15.80
C ASP A 135 9.07 -8.64 14.91
N CYS A 136 8.32 -9.46 15.60
CA CYS A 136 7.16 -10.21 15.26
C CYS A 136 6.20 -10.04 16.45
N ALA A 137 6.54 -9.19 17.41
CA ALA A 137 5.72 -8.92 18.50
C ALA A 137 4.62 -8.13 17.84
N THR A 138 4.94 -7.42 16.79
CA THR A 138 3.92 -6.67 16.09
C THR A 138 2.84 -7.59 15.52
N ILE A 139 3.24 -8.75 15.02
CA ILE A 139 2.27 -9.69 14.45
C ILE A 139 1.41 -10.29 15.55
N PHE A 140 2.00 -10.63 16.68
CA PHE A 140 1.24 -11.20 17.80
C PHE A 140 0.24 -10.20 18.35
N ALA A 141 0.64 -8.93 18.51
CA ALA A 141 -0.24 -7.88 19.00
C ALA A 141 -1.43 -7.65 18.08
N LEU A 142 -1.15 -7.39 16.79
CA LEU A 142 -2.22 -7.14 15.84
C LEU A 142 -3.20 -8.30 15.79
N SER A 143 -2.68 -9.53 15.82
CA SER A 143 -3.52 -10.72 15.81
C SER A 143 -4.35 -10.82 17.08
N THR A 144 -3.73 -10.55 18.23
CA THR A 144 -4.47 -10.65 19.49
C THR A 144 -5.56 -9.59 19.59
N MET A 145 -5.25 -8.34 19.24
CA MET A 145 -6.24 -7.28 19.38
C MET A 145 -7.41 -7.43 18.42
N THR A 146 -7.26 -8.16 17.33
CA THR A 146 -8.36 -8.28 16.36
C THR A 146 -9.11 -9.61 16.45
N SER A 147 -8.63 -10.58 17.24
CA SER A 147 -9.27 -11.89 17.27
C SER A 147 -10.21 -12.01 18.48
N SER A 148 -11.16 -12.94 18.38
CA SER A 148 -11.94 -13.26 19.57
C SER A 148 -11.43 -14.51 20.30
N VAL A 149 -10.79 -15.45 19.61
CA VAL A 149 -10.05 -16.54 20.26
C VAL A 149 -8.63 -16.52 19.71
N GLN A 150 -7.65 -16.26 20.58
CA GLN A 150 -6.24 -16.34 20.22
C GLN A 150 -5.73 -17.71 20.68
N ILE A 151 -5.53 -18.62 19.73
CA ILE A 151 -5.05 -19.96 20.03
C ILE A 151 -3.53 -19.93 19.90
N TYR A 152 -2.85 -19.96 21.04
CA TYR A 152 -1.40 -19.81 21.13
C TYR A 152 -0.78 -21.20 21.04
N ASN A 153 -0.16 -21.51 19.90
CA ASN A 153 0.22 -22.87 19.55
C ASN A 153 1.66 -23.14 20.00
N LEU A 154 1.81 -24.07 20.94
CA LEU A 154 3.09 -24.32 21.59
C LEU A 154 3.42 -25.81 21.53
N SER A 155 4.71 -26.10 21.57
CA SER A 155 5.22 -27.46 21.50
C SER A 155 5.54 -27.97 22.90
N GLN A 156 4.79 -28.99 23.35
CA GLN A 156 5.13 -29.83 24.49
C GLN A 156 5.03 -29.18 25.87
N ASN A 157 5.23 -27.87 25.96
CA ASN A 157 5.11 -27.23 27.26
C ASN A 157 4.91 -25.74 27.07
N ILE A 158 4.51 -25.10 28.16
CA ILE A 158 4.38 -23.64 28.22
C ILE A 158 5.65 -23.15 28.92
N GLN A 159 6.57 -22.62 28.13
CA GLN A 159 7.89 -22.24 28.64
C GLN A 159 7.87 -20.81 29.14
N GLU A 160 8.84 -20.46 29.95
CA GLU A 160 8.86 -19.12 30.44
C GLU A 160 9.00 -18.13 29.34
N ASP A 161 9.73 -18.45 28.27
CA ASP A 161 9.82 -17.61 27.11
C ASP A 161 8.49 -17.39 26.47
N ASP A 162 7.64 -18.40 26.53
CA ASP A 162 6.34 -18.32 25.90
C ASP A 162 5.53 -17.26 26.64
N LEU A 163 5.53 -17.30 27.95
CA LEU A 163 4.79 -16.32 28.74
C LEU A 163 5.37 -14.93 28.59
N GLN A 164 6.70 -14.82 28.47
CA GLN A 164 7.26 -13.48 28.38
C GLN A 164 6.75 -12.74 27.15
N GLN A 165 6.39 -13.43 26.07
CA GLN A 165 5.87 -12.74 24.89
C GLN A 165 4.50 -12.12 25.11
N LEU A 166 3.81 -12.47 26.20
CA LEU A 166 2.55 -11.82 26.55
C LEU A 166 2.74 -10.48 27.24
N GLN A 167 3.98 -10.10 27.56
CA GLN A 167 4.25 -8.82 28.22
C GLN A 167 3.79 -7.65 27.35
N LEU A 168 3.77 -7.85 26.04
CA LEU A 168 3.17 -6.94 25.06
C LEU A 168 1.87 -6.29 25.54
N PHE A 169 1.05 -7.06 26.24
CA PHE A 169 -0.32 -6.68 26.55
C PHE A 169 -0.50 -6.27 28.00
N THR A 170 0.48 -6.54 28.84
CA THR A 170 0.29 -6.44 30.28
C THR A 170 -0.12 -5.04 30.70
N GLU A 171 0.67 -4.01 30.36
CA GLU A 171 0.29 -2.68 30.82
C GLU A 171 -0.94 -2.18 30.06
N TYR A 172 -1.22 -2.69 28.87
CA TYR A 172 -2.45 -2.38 28.15
C TYR A 172 -3.67 -2.87 28.93
N GLY A 173 -3.60 -4.14 29.34
CA GLY A 173 -4.66 -4.70 30.16
C GLY A 173 -4.85 -3.93 31.47
N ARG A 174 -3.74 -3.51 32.08
CA ARG A 174 -3.85 -2.76 33.33
C ARG A 174 -4.40 -1.36 33.09
N LEU A 175 -4.03 -0.73 31.97
CA LEU A 175 -4.53 0.60 31.64
C LEU A 175 -6.04 0.57 31.38
N ALA A 176 -6.47 -0.39 30.57
CA ALA A 176 -7.89 -0.44 30.21
C ALA A 176 -8.78 -0.72 31.42
N MET A 177 -8.33 -1.55 32.33
CA MET A 177 -9.13 -1.81 33.51
C MET A 177 -9.21 -0.59 34.36
N ASP A 178 -8.14 0.16 34.43
CA ASP A 178 -8.15 1.35 35.22
C ASP A 178 -8.90 2.46 34.62
N GLU A 179 -8.95 2.59 33.33
CA GLU A 179 -9.72 3.66 32.76
C GLU A 179 -11.02 3.32 32.16
N ILE A 180 -11.20 2.17 31.59
CA ILE A 180 -12.53 1.84 31.06
C ILE A 180 -13.26 0.75 31.76
N PHE A 181 -12.68 0.26 32.84
CA PHE A 181 -13.31 -0.70 33.76
C PHE A 181 -13.63 -2.03 33.07
N GLN A 182 -12.84 -2.39 32.07
CA GLN A 182 -13.14 -3.57 31.28
C GLN A 182 -11.82 -4.19 30.84
N LYS A 183 -11.80 -5.52 30.75
CA LYS A 183 -10.64 -6.23 30.20
C LYS A 183 -10.64 -6.06 28.69
N PRO A 184 -9.48 -5.80 28.08
CA PRO A 184 -9.46 -5.47 26.65
C PRO A 184 -9.68 -6.64 25.70
N PHE A 185 -9.41 -7.88 26.13
CA PHE A 185 -9.41 -9.02 25.22
C PHE A 185 -10.36 -10.11 25.73
N GLN A 186 -10.64 -11.09 24.87
CA GLN A 186 -11.55 -12.16 25.22
C GLN A 186 -10.77 -13.41 25.62
N THR A 187 -10.62 -14.40 24.73
CA THR A 187 -10.11 -15.71 25.12
C THR A 187 -8.70 -15.92 24.60
N LEU A 188 -7.77 -16.22 25.52
CA LEU A 188 -6.46 -16.77 25.16
C LEU A 188 -6.47 -18.27 25.49
N MET A 189 -6.16 -19.09 24.50
CA MET A 189 -6.09 -20.54 24.70
C MET A 189 -4.70 -21.05 24.35
N PHE A 190 -4.01 -21.65 25.33
CA PHE A 190 -2.74 -22.35 25.10
C PHE A 190 -3.03 -23.72 24.52
N LEU A 191 -2.59 -23.95 23.29
CA LEU A 191 -2.72 -25.26 22.65
C LEU A 191 -1.34 -25.93 22.71
N VAL A 192 -1.21 -26.91 23.60
CA VAL A 192 0.07 -27.58 23.83
C VAL A 192 0.13 -28.79 22.90
N ARG A 193 1.08 -28.78 21.97
CA ARG A 193 1.17 -29.86 21.00
C ARG A 193 2.08 -30.97 21.51
N ASP A 194 1.85 -32.19 20.99
CA ASP A 194 2.59 -33.41 21.33
C ASP A 194 2.79 -33.56 22.84
N TRP A 195 1.68 -33.38 23.56
CA TRP A 195 1.68 -33.61 25.00
C TRP A 195 2.08 -35.04 25.29
N SER A 196 3.04 -35.22 26.21
CA SER A 196 3.66 -36.51 26.41
C SER A 196 3.49 -37.06 27.82
N PHE A 197 2.70 -36.42 28.66
CA PHE A 197 2.54 -36.86 30.05
C PHE A 197 1.06 -36.97 30.41
N PRO A 198 0.31 -37.83 29.72
CA PRO A 198 -1.11 -37.99 30.04
C PRO A 198 -1.34 -38.62 31.40
N TYR A 199 -0.33 -39.33 31.96
CA TYR A 199 -0.43 -39.87 33.30
C TYR A 199 -0.26 -38.79 34.38
N GLU A 200 0.15 -37.58 34.02
CA GLU A 200 0.11 -36.46 34.95
C GLU A 200 -1.03 -35.49 34.65
N TYR A 201 -1.21 -35.09 33.40
CA TYR A 201 -2.35 -34.29 32.98
C TYR A 201 -2.92 -34.91 31.71
N SER A 202 -4.18 -35.33 31.78
CA SER A 202 -4.76 -36.05 30.66
C SER A 202 -4.96 -35.12 29.47
N TYR A 203 -4.99 -35.72 28.28
CA TYR A 203 -5.21 -34.93 27.07
C TYR A 203 -6.55 -34.21 27.15
N GLY A 204 -6.61 -33.09 26.45
CA GLY A 204 -7.84 -32.33 26.36
C GLY A 204 -7.91 -31.17 27.34
N LEU A 205 -9.14 -30.71 27.58
CA LEU A 205 -9.36 -29.43 28.23
C LEU A 205 -9.20 -29.52 29.75
N GLN A 206 -9.73 -30.57 30.37
CA GLN A 206 -9.62 -30.67 31.83
C GLN A 206 -8.16 -30.85 32.27
N GLY A 207 -7.41 -31.71 31.58
CA GLY A 207 -5.98 -31.80 31.86
C GLY A 207 -5.27 -30.48 31.60
N GLY A 208 -5.65 -29.80 30.51
CA GLY A 208 -5.03 -28.52 30.19
C GLY A 208 -5.20 -27.47 31.26
N MET A 209 -6.43 -27.33 31.81
CA MET A 209 -6.62 -26.30 32.82
C MET A 209 -5.88 -26.63 34.10
N ALA A 210 -5.76 -27.89 34.51
CA ALA A 210 -4.95 -28.21 35.68
C ALA A 210 -3.48 -27.88 35.43
N PHE A 211 -2.97 -28.21 34.23
CA PHE A 211 -1.59 -27.87 33.90
C PHE A 211 -1.38 -26.37 33.83
N LEU A 212 -2.32 -25.65 33.23
CA LEU A 212 -2.15 -24.20 33.15
C LEU A 212 -2.15 -23.58 34.54
N ASP A 213 -3.03 -24.05 35.44
CA ASP A 213 -3.06 -23.54 36.81
C ASP A 213 -1.69 -23.66 37.48
N LYS A 214 -1.03 -24.80 37.30
CA LYS A 214 0.28 -25.00 37.90
C LYS A 214 1.32 -24.07 37.27
N ARG A 215 1.30 -23.93 35.94
CA ARG A 215 2.29 -23.09 35.26
C ARG A 215 2.06 -21.62 35.55
N LEU A 216 0.83 -21.22 35.86
CA LEU A 216 0.56 -19.81 36.11
C LEU A 216 0.88 -19.38 37.53
N GLN A 217 1.24 -20.32 38.41
CA GLN A 217 1.57 -19.96 39.77
C GLN A 217 2.90 -19.21 39.81
N VAL A 218 2.91 -18.09 40.52
CA VAL A 218 4.10 -17.26 40.68
C VAL A 218 5.03 -17.95 41.68
N LYS A 219 6.33 -17.94 41.39
CA LYS A 219 7.33 -18.51 42.26
C LYS A 219 8.57 -17.64 42.23
N GLU A 220 9.32 -17.63 43.34
CA GLU A 220 10.35 -16.63 43.58
C GLU A 220 11.52 -16.77 42.62
N HIS A 221 11.74 -17.95 42.06
CA HIS A 221 12.88 -18.12 41.16
C HIS A 221 12.62 -17.52 39.78
N GLN A 222 11.38 -17.37 39.34
CA GLN A 222 11.09 -16.83 38.02
C GLN A 222 11.52 -15.40 37.83
N HIS A 223 11.88 -15.02 36.62
CA HIS A 223 12.28 -13.65 36.38
C HIS A 223 11.17 -12.65 36.61
N GLU A 224 11.54 -11.49 37.09
CA GLU A 224 10.60 -10.46 37.42
C GLU A 224 9.55 -10.13 36.37
N GLU A 225 9.96 -10.12 35.13
CA GLU A 225 9.05 -9.79 34.08
C GLU A 225 8.05 -10.91 33.87
N ILE A 226 8.44 -12.14 34.12
CA ILE A 226 7.54 -13.26 33.94
C ILE A 226 6.54 -13.37 35.08
N GLN A 227 6.94 -12.96 36.25
CA GLN A 227 6.01 -13.02 37.31
C GLN A 227 5.01 -11.89 37.10
N ASN A 228 5.39 -10.79 36.49
CA ASN A 228 4.52 -9.71 36.07
C ASN A 228 3.40 -10.14 35.16
N VAL A 229 3.76 -11.01 34.24
CA VAL A 229 2.86 -11.51 33.24
C VAL A 229 1.91 -12.38 34.00
N ARG A 230 2.41 -13.25 34.85
CA ARG A 230 1.53 -14.11 35.62
C ARG A 230 0.56 -13.29 36.47
N ASN A 231 1.04 -12.17 37.01
CA ASN A 231 0.22 -11.34 37.89
C ASN A 231 -0.84 -10.52 37.15
N HIS A 232 -0.78 -10.42 35.81
CA HIS A 232 -1.66 -9.51 35.10
C HIS A 232 -2.24 -10.10 33.82
N ILE A 233 -2.00 -11.38 33.54
CA ILE A 233 -2.60 -12.00 32.36
C ILE A 233 -4.12 -11.98 32.48
N HIS A 234 -4.65 -12.09 33.70
CA HIS A 234 -6.09 -12.10 33.87
C HIS A 234 -6.71 -10.72 33.81
N SER A 235 -5.89 -9.67 33.81
CA SER A 235 -6.37 -8.33 33.51
C SER A 235 -6.48 -8.10 32.02
N CYS A 236 -5.83 -8.94 31.22
CA CYS A 236 -5.83 -8.79 29.78
C CYS A 236 -6.96 -9.57 29.13
N PHE A 237 -7.16 -10.83 29.54
CA PHE A 237 -8.10 -11.73 28.90
C PHE A 237 -9.23 -12.09 29.85
N SER A 238 -10.47 -12.03 29.35
CA SER A 238 -11.59 -12.44 30.19
C SER A 238 -11.61 -13.95 30.40
N ASP A 239 -11.04 -14.74 29.47
CA ASP A 239 -10.82 -16.17 29.70
C ASP A 239 -9.42 -16.60 29.26
N VAL A 240 -8.76 -17.40 30.11
CA VAL A 240 -7.46 -18.00 29.80
C VAL A 240 -7.59 -19.50 29.99
N THR A 241 -7.38 -20.26 28.91
CA THR A 241 -7.62 -21.71 28.93
C THR A 241 -6.43 -22.42 28.28
N CYS A 242 -6.48 -23.75 28.31
CA CYS A 242 -5.37 -24.56 27.83
C CYS A 242 -5.91 -25.93 27.43
N PHE A 243 -5.42 -26.46 26.32
CA PHE A 243 -5.85 -27.75 25.78
C PHE A 243 -4.60 -28.54 25.42
N LEU A 244 -4.50 -29.78 25.93
CA LEU A 244 -3.34 -30.63 25.66
C LEU A 244 -3.67 -31.66 24.58
N LEU A 245 -2.94 -31.57 23.50
CA LEU A 245 -3.21 -32.38 22.34
C LEU A 245 -2.11 -33.43 22.18
N PRO A 246 -2.44 -34.66 21.82
CA PRO A 246 -1.42 -35.70 21.65
C PRO A 246 -0.64 -35.55 20.35
N HIS A 247 0.36 -36.41 20.22
CA HIS A 247 1.19 -36.48 19.04
C HIS A 247 0.40 -37.11 17.89
N PRO A 248 0.52 -36.57 16.66
CA PRO A 248 -0.21 -37.13 15.52
C PRO A 248 0.39 -38.39 14.93
N GLY A 249 1.52 -38.87 15.43
CA GLY A 249 2.19 -40.01 14.85
C GLY A 249 3.37 -39.62 13.97
N LEU A 250 4.27 -40.59 13.75
CA LEU A 250 5.54 -40.30 13.11
C LEU A 250 5.41 -39.95 11.64
N GLN A 251 4.40 -40.50 10.95
CA GLN A 251 4.25 -40.15 9.54
C GLN A 251 3.86 -38.68 9.38
N VAL A 252 2.97 -38.16 10.23
CA VAL A 252 2.67 -36.74 10.16
C VAL A 252 3.89 -35.92 10.56
N ALA A 253 4.58 -36.33 11.64
CA ALA A 253 5.67 -35.55 12.19
C ALA A 253 6.82 -35.36 11.20
N THR A 254 7.10 -36.38 10.39
CA THR A 254 8.28 -36.37 9.54
C THR A 254 7.95 -36.10 8.09
N SER A 255 6.70 -35.75 7.78
CA SER A 255 6.36 -35.56 6.37
C SER A 255 6.29 -34.09 6.01
N PRO A 256 6.87 -33.68 4.87
CA PRO A 256 6.50 -32.38 4.31
C PRO A 256 5.24 -32.57 3.48
N ASP A 257 4.21 -31.78 3.79
CA ASP A 257 2.93 -31.91 3.10
C ASP A 257 2.36 -33.31 3.27
N PHE A 258 1.76 -33.57 4.43
CA PHE A 258 1.25 -34.91 4.73
C PHE A 258 0.08 -35.24 3.80
N ASP A 259 0.14 -36.42 3.17
CA ASP A 259 -0.90 -36.82 2.22
C ASP A 259 -1.35 -38.25 2.47
N GLY A 260 -1.02 -38.81 3.63
CA GLY A 260 -1.48 -40.15 3.96
C GLY A 260 -2.96 -40.19 4.29
N LYS A 261 -3.47 -41.42 4.41
CA LYS A 261 -4.88 -41.62 4.71
C LYS A 261 -5.16 -41.26 6.16
N LEU A 262 -6.40 -40.85 6.41
CA LEU A 262 -6.84 -40.52 7.76
C LEU A 262 -6.54 -41.64 8.75
N LYS A 263 -6.64 -42.89 8.30
CA LYS A 263 -6.37 -44.01 9.19
C LYS A 263 -4.90 -44.08 9.62
N ASP A 264 -4.00 -43.38 8.91
CA ASP A 264 -2.58 -43.37 9.27
C ASP A 264 -2.26 -42.36 10.37
N ILE A 265 -3.18 -41.46 10.69
CA ILE A 265 -2.99 -40.53 11.80
C ILE A 265 -3.24 -41.27 13.10
N ALA A 266 -2.45 -40.96 14.13
CA ALA A 266 -2.60 -41.64 15.42
C ALA A 266 -4.01 -41.47 15.97
N GLY A 267 -4.50 -42.54 16.60
CA GLY A 267 -5.90 -42.57 17.01
C GLY A 267 -6.25 -41.59 18.12
N GLU A 268 -5.36 -41.45 19.11
CA GLU A 268 -5.64 -40.53 20.21
C GLU A 268 -5.66 -39.08 19.73
N PHE A 269 -4.85 -38.76 18.73
CA PHE A 269 -4.89 -37.42 18.13
C PHE A 269 -6.25 -37.17 17.47
N LYS A 270 -6.73 -38.11 16.67
CA LYS A 270 -8.05 -37.98 16.07
C LYS A 270 -9.12 -37.82 17.15
N GLU A 271 -9.07 -38.66 18.18
CA GLU A 271 -9.99 -38.58 19.31
C GLU A 271 -10.03 -37.18 19.90
N GLN A 272 -8.85 -36.63 20.22
CA GLN A 272 -8.82 -35.33 20.88
C GLN A 272 -9.18 -34.20 19.91
N LEU A 273 -8.91 -34.39 18.61
CA LEU A 273 -9.37 -33.45 17.60
C LEU A 273 -10.89 -33.33 17.60
N GLN A 274 -11.59 -34.45 17.80
CA GLN A 274 -13.05 -34.37 17.84
C GLN A 274 -13.57 -33.66 19.07
N ALA A 275 -12.72 -33.44 20.09
CA ALA A 275 -13.14 -32.62 21.21
C ALA A 275 -12.74 -31.16 21.00
N LEU A 276 -11.55 -30.94 20.44
CA LEU A 276 -10.99 -29.59 20.37
C LEU A 276 -11.69 -28.74 19.32
N ILE A 277 -11.96 -29.29 18.15
CA ILE A 277 -12.46 -28.48 17.04
C ILE A 277 -13.90 -28.05 17.32
N PRO A 278 -14.83 -28.95 17.69
CA PRO A 278 -16.15 -28.47 18.13
C PRO A 278 -16.09 -27.53 19.33
N TYR A 279 -15.16 -27.74 20.27
CA TYR A 279 -15.08 -26.84 21.41
C TYR A 279 -14.85 -25.40 20.98
N VAL A 280 -14.15 -25.19 19.87
CA VAL A 280 -13.89 -23.85 19.35
C VAL A 280 -14.98 -23.42 18.36
N LEU A 281 -15.48 -24.32 17.52
CA LEU A 281 -16.28 -23.91 16.36
C LEU A 281 -17.74 -24.34 16.38
N ASN A 282 -18.17 -25.12 17.36
CA ASN A 282 -19.58 -25.50 17.39
C ASN A 282 -20.45 -24.25 17.51
N PRO A 283 -21.63 -24.23 16.88
CA PRO A 283 -22.44 -23.00 16.86
C PRO A 283 -22.77 -22.43 18.24
N SER A 284 -23.04 -23.27 19.24
CA SER A 284 -23.24 -22.74 20.58
C SER A 284 -21.96 -22.19 21.21
N LYS A 285 -20.79 -22.53 20.67
CA LYS A 285 -19.53 -22.03 21.21
C LYS A 285 -18.97 -20.82 20.46
N LEU A 286 -19.46 -20.52 19.25
CA LEU A 286 -18.89 -19.39 18.50
C LEU A 286 -19.00 -18.11 19.31
N MET A 287 -17.91 -17.34 19.37
CA MET A 287 -17.82 -16.18 20.26
C MET A 287 -17.56 -14.95 19.41
N GLU A 288 -18.60 -14.13 19.21
CA GLU A 288 -18.46 -12.90 18.45
C GLU A 288 -17.37 -12.01 19.05
N LYS A 289 -16.56 -11.42 18.18
CA LYS A 289 -15.58 -10.44 18.64
C LYS A 289 -16.26 -9.29 19.36
N GLU A 290 -15.70 -8.91 20.50
CA GLU A 290 -16.24 -7.82 21.32
C GLU A 290 -15.12 -6.86 21.66
N ILE A 291 -15.42 -5.57 21.63
CA ILE A 291 -14.49 -4.53 22.03
C ILE A 291 -15.28 -3.51 22.85
N ASN A 292 -14.76 -3.16 24.03
CA ASN A 292 -15.45 -2.23 24.93
C ASN A 292 -16.83 -2.77 25.30
N GLY A 293 -16.97 -4.09 25.32
CA GLY A 293 -18.23 -4.70 25.74
C GLY A 293 -19.33 -4.64 24.70
N SER A 294 -18.99 -4.50 23.41
CA SER A 294 -19.99 -4.49 22.36
C SER A 294 -19.45 -5.23 21.14
N LYS A 295 -20.36 -5.86 20.41
CA LYS A 295 -19.95 -6.78 19.35
C LYS A 295 -19.45 -6.03 18.12
N VAL A 296 -18.51 -6.65 17.41
CA VAL A 296 -17.87 -6.08 16.23
C VAL A 296 -18.40 -6.82 15.00
N THR A 297 -18.69 -6.07 13.94
CA THR A 297 -19.14 -6.64 12.68
C THR A 297 -17.96 -6.73 11.71
N CYS A 298 -18.17 -7.46 10.61
CA CYS A 298 -17.15 -7.47 9.55
C CYS A 298 -16.79 -6.06 9.10
N ARG A 299 -17.80 -5.19 8.95
N ARG A 299 -17.72 -5.12 8.93
CA ARG A 299 -17.52 -3.80 8.58
CA ARG A 299 -17.46 -3.74 8.60
C ARG A 299 -16.65 -3.13 9.64
C ARG A 299 -16.61 -3.09 9.66
N GLY A 300 -17.01 -3.27 10.92
CA GLY A 300 -16.25 -2.63 11.96
C GLY A 300 -14.85 -3.19 12.12
N LEU A 301 -14.69 -4.51 11.92
CA LEU A 301 -13.39 -5.15 12.08
C LEU A 301 -12.34 -4.50 11.19
N LEU A 302 -12.74 -4.12 9.97
CA LEU A 302 -11.84 -3.42 9.07
C LEU A 302 -11.26 -2.17 9.72
N GLU A 303 -12.09 -1.43 10.47
CA GLU A 303 -11.61 -0.21 11.10
C GLU A 303 -10.54 -0.49 12.15
N TYR A 304 -10.67 -1.57 12.92
CA TYR A 304 -9.65 -1.87 13.93
C TYR A 304 -8.31 -2.19 13.28
N PHE A 305 -8.30 -3.00 12.22
CA PHE A 305 -7.06 -3.25 11.49
C PHE A 305 -6.42 -1.94 11.01
N LYS A 306 -7.23 -1.05 10.44
CA LYS A 306 -6.68 0.18 9.88
C LYS A 306 -6.11 1.09 10.97
N ALA A 307 -6.79 1.17 12.11
CA ALA A 307 -6.28 1.99 13.20
C ALA A 307 -5.07 1.36 13.88
N TYR A 308 -5.01 0.02 13.97
CA TYR A 308 -3.91 -0.63 14.68
C TYR A 308 -2.64 -0.67 13.85
N ILE A 309 -2.74 -0.80 12.52
CA ILE A 309 -1.51 -0.86 11.73
C ILE A 309 -0.71 0.42 11.88
N LYS A 310 -1.36 1.52 12.10
CA LYS A 310 -0.67 2.76 12.19
C LYS A 310 0.25 2.90 13.36
N ILE A 311 -0.18 2.45 14.51
CA ILE A 311 0.60 2.54 15.70
C ILE A 311 1.69 1.53 15.81
N TYR A 312 1.79 0.61 14.90
CA TYR A 312 2.85 -0.33 14.99
C TYR A 312 3.88 -0.06 13.93
N GLN A 313 3.94 1.15 13.45
CA GLN A 313 4.83 1.51 12.38
C GLN A 313 6.16 1.96 12.83
N GLY A 314 6.22 2.53 14.01
CA GLY A 314 7.46 3.06 14.54
C GLY A 314 8.65 2.18 14.85
N GLU A 315 9.63 2.82 15.44
CA GLU A 315 10.87 2.16 15.80
C GLU A 315 10.61 1.24 16.96
N ASP A 316 9.86 1.76 17.91
CA ASP A 316 9.51 1.01 19.07
C ASP A 316 8.06 0.65 19.17
N LEU A 317 7.75 -0.24 20.08
CA LEU A 317 6.37 -0.64 20.31
C LEU A 317 5.57 0.54 20.84
N PRO A 318 4.28 0.62 20.52
CA PRO A 318 3.48 1.77 20.95
C PRO A 318 3.27 1.78 22.46
N HIS A 319 3.07 2.98 22.98
CA HIS A 319 2.68 3.14 24.37
C HIS A 319 1.27 2.60 24.59
N PRO A 320 0.97 2.08 25.76
CA PRO A 320 -0.36 1.61 26.01
C PRO A 320 -1.43 2.66 25.87
N LYS A 321 -1.12 3.92 26.08
CA LYS A 321 -2.08 4.95 25.94
C LYS A 321 -2.43 5.09 24.48
N SER A 322 -1.47 4.91 23.59
CA SER A 322 -1.72 4.95 22.16
C SER A 322 -2.51 3.75 21.68
N MET A 323 -2.32 2.59 22.31
CA MET A 323 -3.15 1.43 21.96
C MET A 323 -4.60 1.64 22.35
N LEU A 324 -4.83 2.19 23.55
CA LEU A 324 -6.19 2.53 23.95
C LEU A 324 -6.77 3.63 23.05
N GLN A 325 -5.94 4.60 22.67
CA GLN A 325 -6.38 5.69 21.82
C GLN A 325 -6.81 5.19 20.44
N ALA A 326 -6.01 4.28 19.86
CA ALA A 326 -6.36 3.71 18.57
C ALA A 326 -7.65 2.88 18.67
N THR A 327 -7.81 2.17 19.78
CA THR A 327 -9.02 1.39 19.99
C THR A 327 -10.24 2.29 20.02
N ALA A 328 -10.14 3.43 20.73
CA ALA A 328 -11.26 4.35 20.86
C ALA A 328 -11.62 4.97 19.53
N GLU A 329 -10.61 5.33 18.73
CA GLU A 329 -10.88 5.93 17.42
C GLU A 329 -11.57 4.93 16.50
N ALA A 330 -11.03 3.71 16.40
CA ALA A 330 -11.64 2.68 15.58
C ALA A 330 -13.03 2.32 16.06
N ASN A 331 -13.25 2.38 17.38
CA ASN A 331 -14.56 2.04 17.92
C ASN A 331 -15.64 3.02 17.44
N ASN A 332 -15.32 4.31 17.41
CA ASN A 332 -16.25 5.35 16.96
C ASN A 332 -16.41 5.32 15.45
N LEU A 333 -15.33 5.05 14.72
CA LEU A 333 -15.41 4.93 13.27
C LEU A 333 -16.26 3.74 12.87
N ALA A 334 -16.21 2.65 13.64
CA ALA A 334 -17.05 1.49 13.39
C ALA A 334 -18.52 1.81 13.62
N ALA A 335 -18.84 2.54 14.69
CA ALA A 335 -20.22 3.00 14.88
C ALA A 335 -20.67 3.91 13.73
N ALA A 336 -19.81 4.84 13.31
CA ALA A 336 -20.18 5.74 12.22
C ALA A 336 -20.39 4.98 10.91
N ALA A 337 -19.53 3.99 10.63
CA ALA A 337 -19.66 3.22 9.39
C ALA A 337 -20.94 2.42 9.38
N SER A 338 -21.29 1.80 10.51
CA SER A 338 -22.54 1.07 10.59
C SER A 338 -23.75 2.01 10.41
N ALA A 339 -23.67 3.22 10.95
CA ALA A 339 -24.76 4.16 10.77
C ALA A 339 -24.85 4.61 9.32
N LYS A 340 -23.69 4.87 8.68
CA LYS A 340 -23.68 5.30 7.29
C LYS A 340 -24.29 4.25 6.37
N ASP A 341 -23.97 2.97 6.58
CA ASP A 341 -24.55 1.90 5.78
C ASP A 341 -26.07 1.86 5.93
N ILE A 342 -26.57 2.14 7.13
CA ILE A 342 -28.01 2.14 7.33
C ILE A 342 -28.67 3.24 6.51
N TYR A 343 -28.08 4.44 6.52
CA TYR A 343 -28.67 5.53 5.75
C TYR A 343 -28.61 5.21 4.26
N TYR A 344 -27.48 4.69 3.80
CA TYR A 344 -27.28 4.45 2.38
C TYR A 344 -28.18 3.33 1.87
N ASN A 345 -28.18 2.19 2.57
CA ASN A 345 -28.96 1.05 2.09
C ASN A 345 -30.43 1.40 1.98
N ASN A 346 -30.94 2.20 2.92
CA ASN A 346 -32.36 2.50 2.92
C ASN A 346 -32.71 3.49 1.81
N MET A 347 -31.86 4.50 1.61
CA MET A 347 -32.08 5.47 0.54
C MET A 347 -31.93 4.84 -0.84
N GLU A 348 -30.94 3.96 -1.01
CA GLU A 348 -30.75 3.32 -2.31
C GLU A 348 -31.91 2.42 -2.66
N GLU A 349 -32.52 1.79 -1.65
CA GLU A 349 -33.72 1.00 -1.89
C GLU A 349 -34.87 1.86 -2.40
N VAL A 350 -34.90 3.14 -1.99
CA VAL A 350 -36.09 3.93 -2.26
C VAL A 350 -35.93 4.81 -3.51
N CYS A 351 -34.70 5.22 -3.87
CA CYS A 351 -34.54 6.04 -5.06
C CYS A 351 -33.35 5.61 -5.92
N GLY A 352 -32.69 4.50 -5.60
CA GLY A 352 -31.55 4.08 -6.37
C GLY A 352 -31.92 3.41 -7.69
N GLY A 353 -30.90 3.19 -8.51
CA GLY A 353 -31.07 2.46 -9.75
C GLY A 353 -32.02 3.17 -10.71
N GLU A 354 -32.83 2.38 -11.42
CA GLU A 354 -33.82 2.89 -12.34
C GLU A 354 -35.22 2.95 -11.73
N LYS A 355 -35.31 2.95 -10.40
CA LYS A 355 -36.59 3.10 -9.72
C LYS A 355 -37.22 4.46 -10.03
N PRO A 356 -38.54 4.57 -9.98
CA PRO A 356 -39.20 5.77 -10.52
C PRO A 356 -38.87 7.03 -9.73
N TYR A 357 -38.91 8.15 -10.46
CA TYR A 357 -38.70 9.47 -9.88
C TYR A 357 -39.60 9.70 -8.67
N LEU A 358 -39.03 10.34 -7.66
CA LEU A 358 -39.76 10.73 -6.45
C LEU A 358 -39.85 12.25 -6.39
N SER A 359 -41.03 12.74 -6.02
CA SER A 359 -41.19 14.17 -5.89
C SER A 359 -40.33 14.67 -4.73
N PRO A 360 -39.90 15.92 -4.76
CA PRO A 360 -39.00 16.41 -3.71
C PRO A 360 -39.55 16.23 -2.31
N ASP A 361 -40.87 16.37 -2.14
CA ASP A 361 -41.48 16.19 -0.81
C ASP A 361 -41.32 14.75 -0.32
N ILE A 362 -41.59 13.77 -1.19
CA ILE A 362 -41.43 12.38 -0.80
C ILE A 362 -39.97 12.05 -0.53
N LEU A 363 -39.06 12.54 -1.39
CA LEU A 363 -37.64 12.26 -1.19
C LEU A 363 -37.13 12.86 0.11
N GLU A 364 -37.52 14.10 0.40
CA GLU A 364 -37.11 14.74 1.65
C GLU A 364 -37.58 13.94 2.86
N GLU A 365 -38.80 13.49 2.83
CA GLU A 365 -39.32 12.78 3.93
C GLU A 365 -38.60 11.47 4.20
N LYS A 366 -38.26 10.76 3.17
CA LYS A 366 -37.54 9.56 3.27
C LYS A 366 -36.15 9.84 3.83
N HIS A 367 -35.53 10.90 3.37
CA HIS A 367 -34.23 11.30 3.83
C HIS A 367 -34.26 11.57 5.31
N CYS A 368 -35.23 12.32 5.73
CA CYS A 368 -35.35 12.66 7.13
C CYS A 368 -35.60 11.42 7.98
N GLU A 369 -36.42 10.50 7.47
CA GLU A 369 -36.67 9.26 8.19
C GLU A 369 -35.39 8.45 8.34
N PHE A 370 -34.59 8.35 7.27
CA PHE A 370 -33.44 7.44 7.32
C PHE A 370 -32.22 8.10 7.93
N LYS A 371 -32.08 9.43 7.80
CA LYS A 371 -31.05 10.14 8.55
C LYS A 371 -31.24 9.99 10.04
N GLN A 372 -32.49 10.19 10.52
CA GLN A 372 -32.77 10.02 11.93
C GLN A 372 -32.52 8.60 12.39
N LEU A 373 -32.95 7.62 11.59
CA LEU A 373 -32.63 6.22 11.88
C LEU A 373 -31.12 6.04 12.05
N ALA A 374 -30.36 6.60 11.12
CA ALA A 374 -28.91 6.41 11.12
C ALA A 374 -28.26 7.10 12.32
N LEU A 375 -28.63 8.37 12.57
CA LEU A 375 -28.03 9.08 13.70
C LEU A 375 -28.46 8.48 15.04
N ASP A 376 -29.72 8.03 15.14
CA ASP A 376 -30.15 7.34 16.35
C ASP A 376 -29.32 6.08 16.57
N HIS A 377 -29.02 5.35 15.49
CA HIS A 377 -28.22 4.14 15.63
C HIS A 377 -26.82 4.47 16.13
N PHE A 378 -26.26 5.58 15.64
CA PHE A 378 -24.93 5.97 16.09
C PHE A 378 -24.93 6.33 17.56
N LYS A 379 -25.92 7.12 17.99
CA LYS A 379 -25.97 7.58 19.36
C LYS A 379 -26.28 6.44 20.30
N LYS A 380 -27.17 5.53 19.90
CA LYS A 380 -27.54 4.40 20.75
C LYS A 380 -26.39 3.42 20.93
N THR A 381 -25.51 3.32 19.94
CA THR A 381 -24.38 2.41 19.99
C THR A 381 -23.42 2.81 21.10
N LYS A 382 -22.95 1.82 21.84
CA LYS A 382 -21.98 2.06 22.91
C LYS A 382 -20.63 2.45 22.32
N LYS A 383 -20.11 3.61 22.71
CA LYS A 383 -18.88 4.13 22.14
C LYS A 383 -17.93 4.54 23.25
N MET A 384 -16.64 4.38 22.99
CA MET A 384 -15.59 4.82 23.90
C MET A 384 -15.37 6.33 23.75
N GLY A 385 -14.77 6.92 24.79
CA GLY A 385 -14.19 8.25 24.71
C GLY A 385 -14.95 9.35 25.43
N GLY A 386 -16.22 9.15 25.74
CA GLY A 386 -17.03 10.24 26.26
C GLY A 386 -17.68 11.07 25.16
N LYS A 387 -18.66 11.87 25.57
CA LYS A 387 -19.58 12.49 24.61
C LYS A 387 -18.85 13.46 23.68
N ASP A 388 -17.94 14.27 24.21
CA ASP A 388 -17.25 15.24 23.36
C ASP A 388 -16.33 14.54 22.36
N PHE A 389 -15.68 13.46 22.78
CA PHE A 389 -14.91 12.67 21.83
C PHE A 389 -15.79 12.08 20.74
N SER A 390 -16.97 11.57 21.10
CA SER A 390 -17.83 10.92 20.12
C SER A 390 -18.52 11.92 19.19
N PHE A 391 -18.57 13.19 19.55
CA PHE A 391 -19.27 14.14 18.75
C PHE A 391 -18.57 14.41 17.46
N ARG A 392 -17.28 14.44 17.51
CA ARG A 392 -16.54 14.73 16.34
C ARG A 392 -16.76 13.66 15.29
N TYR A 393 -17.01 12.45 15.70
CA TYR A 393 -17.31 11.40 14.75
C TYR A 393 -18.74 11.54 14.29
N GLN A 394 -19.65 11.95 15.15
CA GLN A 394 -21.03 12.17 14.73
C GLN A 394 -21.12 13.27 13.69
N GLN A 395 -20.37 14.35 13.89
CA GLN A 395 -20.41 15.47 12.96
C GLN A 395 -19.83 15.07 11.60
N GLU A 396 -18.82 14.24 11.61
CA GLU A 396 -18.27 13.67 10.42
C GLU A 396 -19.26 12.79 9.70
N LEU A 397 -20.01 12.01 10.46
CA LEU A 397 -21.05 11.18 9.89
C LEU A 397 -22.15 12.03 9.24
N GLU A 398 -22.49 13.16 9.87
CA GLU A 398 -23.52 14.02 9.32
C GLU A 398 -23.07 14.68 8.02
N GLU A 399 -21.77 14.95 7.88
CA GLU A 399 -21.26 15.48 6.62
C GLU A 399 -21.32 14.41 5.54
N GLU A 400 -20.95 13.18 5.87
CA GLU A 400 -21.05 12.09 4.90
C GLU A 400 -22.48 11.86 4.44
N ILE A 401 -23.44 11.88 5.38
CA ILE A 401 -24.83 11.69 5.01
C ILE A 401 -25.30 12.81 4.10
N LYS A 402 -24.87 14.04 4.37
CA LYS A 402 -25.23 15.19 3.56
C LYS A 402 -24.72 15.02 2.13
N GLU A 403 -23.47 14.59 1.97
CA GLU A 403 -22.97 14.31 0.63
C GLU A 403 -23.74 13.16 -0.01
N LEU A 404 -24.05 12.11 0.75
CA LEU A 404 -24.82 11.01 0.18
C LEU A 404 -26.20 11.50 -0.26
N TYR A 405 -26.83 12.36 0.54
CA TYR A 405 -28.14 12.89 0.18
C TYR A 405 -28.07 13.70 -1.11
N GLU A 406 -27.01 14.47 -1.30
CA GLU A 406 -26.87 15.28 -2.51
C GLU A 406 -26.78 14.40 -3.76
N ASN A 407 -26.00 13.31 -3.69
CA ASN A 407 -25.93 12.40 -4.81
C ASN A 407 -27.26 11.70 -5.06
N PHE A 408 -27.96 11.29 -4.00
CA PHE A 408 -29.29 10.72 -4.18
C PHE A 408 -30.23 11.71 -4.86
N CYS A 409 -30.15 13.00 -4.48
CA CYS A 409 -31.02 14.00 -5.09
C CYS A 409 -30.66 14.23 -6.54
N LYS A 410 -29.37 14.25 -6.87
CA LYS A 410 -29.00 14.47 -8.26
C LYS A 410 -29.32 13.24 -9.11
N HIS A 411 -29.21 12.03 -8.53
CA HIS A 411 -29.62 10.84 -9.26
C HIS A 411 -31.13 10.81 -9.47
N ASN A 412 -31.90 11.13 -8.43
CA ASN A 412 -33.36 11.20 -8.55
C ASN A 412 -33.78 12.22 -9.61
N GLY A 413 -33.17 13.40 -9.60
CA GLY A 413 -33.53 14.42 -10.56
C GLY A 413 -33.23 14.02 -12.00
N SER A 414 -32.26 13.13 -12.22
CA SER A 414 -31.97 12.70 -13.57
C SER A 414 -33.06 11.80 -14.14
N LYS A 415 -33.95 11.28 -13.32
CA LYS A 415 -35.07 10.49 -13.79
C LYS A 415 -36.34 11.31 -14.03
N ASN A 416 -36.26 12.64 -13.92
CA ASN A 416 -37.43 13.49 -14.08
C ASN A 416 -37.66 13.76 -15.57
N VAL A 417 -38.93 13.75 -16.00
CA VAL A 417 -39.48 13.77 -17.35
C VAL A 417 -38.91 14.95 -18.16
N PHE A 418 -39.35 16.09 -17.63
CA PHE A 418 -39.08 17.39 -18.26
C PHE A 418 -38.30 18.31 -17.30
N SER B 2 5.65 -6.86 -0.59
CA SER B 2 4.63 -5.85 -0.85
C SER B 2 4.43 -5.62 -2.35
N LYS B 3 3.25 -5.16 -2.71
CA LYS B 3 3.00 -4.81 -4.10
C LYS B 3 3.58 -3.44 -4.43
N PRO B 4 4.11 -3.25 -5.62
CA PRO B 4 4.62 -1.92 -6.00
C PRO B 4 3.50 -0.92 -6.20
N GLY B 5 3.87 0.36 -6.19
CA GLY B 5 2.93 1.43 -6.36
C GLY B 5 3.61 2.78 -6.44
N PRO B 6 2.82 3.84 -6.63
CA PRO B 6 3.40 5.18 -6.72
C PRO B 6 3.91 5.63 -5.36
N VAL B 7 5.03 6.35 -5.36
CA VAL B 7 5.61 6.90 -4.14
C VAL B 7 5.65 8.42 -4.29
N GLN B 8 5.01 9.11 -3.34
CA GLN B 8 4.98 10.56 -3.37
C GLN B 8 6.33 11.12 -2.91
N VAL B 9 7.00 11.85 -3.79
CA VAL B 9 8.31 12.41 -3.48
C VAL B 9 8.29 13.92 -3.34
N VAL B 10 7.37 14.63 -3.97
CA VAL B 10 7.23 16.07 -3.81
C VAL B 10 5.78 16.37 -3.47
N LEU B 11 5.55 17.04 -2.36
CA LEU B 11 4.22 17.25 -1.80
C LEU B 11 4.00 18.72 -1.47
N VAL B 12 2.73 19.10 -1.34
CA VAL B 12 2.38 20.44 -0.87
C VAL B 12 2.31 20.45 0.65
N SER B 18 4.20 26.19 0.35
CA SER B 18 5.53 25.67 0.07
C SER B 18 5.50 24.16 -0.22
N PHE B 19 6.50 23.67 -0.95
CA PHE B 19 6.60 22.28 -1.32
C PHE B 19 7.65 21.58 -0.48
N GLU B 20 7.39 20.33 -0.12
CA GLU B 20 8.33 19.51 0.62
C GLU B 20 8.86 18.41 -0.29
N LEU B 21 10.03 17.90 0.05
CA LEU B 21 10.62 16.74 -0.62
C LEU B 21 10.75 15.62 0.41
N ASP B 22 9.97 14.57 0.22
CA ASP B 22 10.06 13.40 1.10
C ASP B 22 11.38 12.71 0.77
N GLU B 23 12.46 13.25 1.35
CA GLU B 23 13.80 12.75 1.07
C GLU B 23 13.93 11.30 1.50
N LYS B 24 13.41 10.95 2.69
CA LYS B 24 13.45 9.58 3.15
C LYS B 24 12.80 8.63 2.15
N ALA B 25 11.58 8.97 1.70
CA ALA B 25 10.88 8.12 0.74
C ALA B 25 11.66 8.02 -0.57
N LEU B 26 12.16 9.16 -1.07
CA LEU B 26 12.90 9.15 -2.32
C LEU B 26 14.20 8.36 -2.18
N ALA B 27 14.97 8.63 -1.12
CA ALA B 27 16.25 7.94 -0.95
C ALA B 27 16.05 6.44 -0.78
N SER B 28 14.94 6.02 -0.18
CA SER B 28 14.77 4.58 -0.03
C SER B 28 14.62 3.89 -1.38
N ILE B 29 14.19 4.59 -2.43
CA ILE B 29 14.12 3.99 -3.75
C ILE B 29 15.45 4.09 -4.47
N LEU B 30 16.08 5.26 -4.42
CA LEU B 30 17.24 5.51 -5.28
C LEU B 30 18.53 4.85 -4.80
N LEU B 31 18.63 4.51 -3.52
CA LEU B 31 19.90 3.95 -3.05
C LEU B 31 19.81 2.46 -2.74
N GLN B 32 18.82 1.77 -3.30
CA GLN B 32 18.83 0.31 -3.29
C GLN B 32 20.12 -0.20 -3.90
N ASP B 33 20.64 -1.31 -3.37
CA ASP B 33 21.98 -1.75 -3.72
C ASP B 33 22.08 -2.15 -5.19
N HIS B 34 21.01 -2.71 -5.75
CA HIS B 34 21.10 -3.18 -7.13
C HIS B 34 20.96 -2.07 -8.17
N ILE B 35 20.67 -0.86 -7.75
CA ILE B 35 20.48 0.20 -8.71
C ILE B 35 21.20 1.43 -8.32
N ARG B 36 21.62 1.49 -7.11
CA ARG B 36 22.35 2.60 -6.57
C ARG B 36 23.39 3.22 -7.49
N ASP B 37 24.25 2.42 -8.12
CA ASP B 37 25.28 2.93 -8.97
C ASP B 37 25.06 2.89 -10.46
N LEU B 38 23.94 2.40 -10.91
CA LEU B 38 23.65 2.39 -12.33
C LEU B 38 23.25 3.77 -12.81
N ASP B 39 23.60 4.08 -14.06
CA ASP B 39 23.11 5.29 -14.70
C ASP B 39 21.59 5.21 -14.83
N VAL B 40 20.91 6.33 -14.59
CA VAL B 40 19.46 6.33 -14.45
C VAL B 40 18.82 7.01 -15.66
N VAL B 41 17.71 6.44 -16.13
CA VAL B 41 16.86 7.04 -17.15
C VAL B 41 15.58 7.48 -16.46
N VAL B 42 15.22 8.77 -16.60
CA VAL B 42 14.09 9.34 -15.91
C VAL B 42 13.08 9.82 -16.95
N VAL B 43 11.97 9.09 -17.08
CA VAL B 43 10.89 9.43 -18.00
C VAL B 43 9.76 10.05 -17.19
N SER B 44 9.47 11.32 -17.44
CA SER B 44 8.44 12.05 -16.72
C SER B 44 7.28 12.34 -17.66
N VAL B 45 6.06 12.11 -17.19
CA VAL B 45 4.84 12.53 -17.88
C VAL B 45 4.19 13.63 -17.06
N ALA B 46 4.02 14.81 -17.67
CA ALA B 46 3.64 16.01 -16.97
C ALA B 46 2.45 16.68 -17.65
N GLY B 47 1.57 17.26 -16.86
CA GLY B 47 0.45 17.98 -17.40
C GLY B 47 -0.61 18.23 -16.36
N ALA B 48 -1.70 18.83 -16.82
CA ALA B 48 -2.84 19.12 -15.95
C ALA B 48 -3.54 17.84 -15.52
N PHE B 49 -4.28 17.97 -14.44
CA PHE B 49 -5.03 16.87 -13.84
C PHE B 49 -6.12 16.38 -14.82
N ARG B 50 -6.30 15.06 -14.87
CA ARG B 50 -7.33 14.38 -15.68
C ARG B 50 -7.18 14.64 -17.17
N LYS B 51 -5.97 14.43 -17.67
CA LYS B 51 -5.80 14.48 -19.12
C LYS B 51 -5.19 13.20 -19.67
N GLY B 52 -5.40 12.09 -18.97
CA GLY B 52 -4.95 10.80 -19.47
C GLY B 52 -3.52 10.44 -19.13
N LYS B 53 -2.90 11.11 -18.16
CA LYS B 53 -1.48 10.88 -17.90
C LYS B 53 -1.24 9.47 -17.37
N SER B 54 -2.03 9.06 -16.38
CA SER B 54 -1.85 7.75 -15.76
C SER B 54 -2.23 6.62 -16.71
N PHE B 55 -3.16 6.87 -17.64
CA PHE B 55 -3.47 5.87 -18.66
C PHE B 55 -2.23 5.55 -19.48
N ILE B 56 -1.46 6.59 -19.85
CA ILE B 56 -0.23 6.40 -20.60
C ILE B 56 0.85 5.79 -19.71
N LEU B 57 0.95 6.27 -18.46
CA LEU B 57 1.92 5.70 -17.53
C LEU B 57 1.66 4.20 -17.34
N ASP B 58 0.38 3.82 -17.29
CA ASP B 58 0.03 2.41 -17.14
C ASP B 58 0.54 1.58 -18.30
N PHE B 59 0.42 2.10 -19.53
CA PHE B 59 0.91 1.32 -20.67
C PHE B 59 2.44 1.24 -20.68
N MET B 60 3.10 2.29 -20.18
CA MET B 60 4.55 2.22 -19.99
C MET B 60 4.90 1.11 -19.01
N LEU B 61 4.08 0.94 -17.97
CA LEU B 61 4.34 -0.13 -17.00
C LEU B 61 4.10 -1.51 -17.61
N ARG B 62 3.05 -1.65 -18.44
CA ARG B 62 2.84 -2.93 -19.11
C ARG B 62 4.04 -3.30 -19.96
N TYR B 63 4.64 -2.32 -20.63
CA TYR B 63 5.80 -2.58 -21.46
C TYR B 63 7.01 -2.97 -20.61
N LEU B 64 7.24 -2.27 -19.51
CA LEU B 64 8.41 -2.55 -18.68
C LEU B 64 8.25 -3.86 -17.94
N TYR B 65 7.02 -4.19 -17.53
CA TYR B 65 6.79 -5.46 -16.84
C TYR B 65 6.87 -6.63 -17.80
N SER B 66 6.33 -6.46 -19.02
CA SER B 66 6.46 -7.51 -20.03
C SER B 66 7.93 -7.73 -20.41
N GLN B 67 8.72 -6.65 -20.40
CA GLN B 67 10.13 -6.77 -20.75
C GLN B 67 10.90 -7.51 -19.67
N LYS B 68 10.65 -7.16 -18.41
CA LYS B 68 11.37 -7.79 -17.30
C LYS B 68 11.02 -9.28 -17.18
N GLU B 69 9.75 -9.62 -17.32
CA GLU B 69 9.28 -11.00 -17.22
C GLU B 69 9.36 -11.75 -18.55
N SER B 70 10.38 -11.48 -19.35
CA SER B 70 10.61 -12.17 -20.63
C SER B 70 9.42 -12.04 -21.57
N ASN B 74 3.60 -9.95 -26.39
CA ASN B 74 2.55 -9.00 -26.75
C ASN B 74 2.20 -8.11 -25.56
N TRP B 75 3.01 -7.09 -25.31
CA TRP B 75 2.87 -6.31 -24.08
C TRP B 75 1.55 -5.54 -24.01
N LEU B 76 0.84 -5.40 -25.13
CA LEU B 76 -0.45 -4.71 -25.09
C LEU B 76 -1.48 -5.50 -24.29
N GLY B 77 -1.52 -6.81 -24.50
CA GLY B 77 -2.42 -7.69 -23.78
C GLY B 77 -3.30 -8.49 -24.71
N ASP B 78 -4.14 -9.33 -24.08
CA ASP B 78 -5.11 -10.13 -24.82
C ASP B 78 -6.31 -9.25 -25.17
N PRO B 79 -6.66 -9.11 -26.45
CA PRO B 79 -7.80 -8.24 -26.81
C PRO B 79 -9.09 -8.54 -26.06
N GLU B 80 -9.28 -9.78 -25.61
CA GLU B 80 -10.48 -10.16 -24.88
C GLU B 80 -10.32 -10.07 -23.37
N GLU B 81 -9.14 -9.66 -22.88
CA GLU B 81 -8.97 -9.58 -21.44
C GLU B 81 -9.16 -8.15 -20.95
N PRO B 82 -9.88 -7.98 -19.84
CA PRO B 82 -10.08 -6.62 -19.30
C PRO B 82 -8.80 -6.05 -18.69
N LEU B 83 -8.61 -4.75 -18.92
CA LEU B 83 -7.48 -3.98 -18.38
C LEU B 83 -7.66 -3.72 -16.89
N THR B 84 -6.55 -3.46 -16.20
CA THR B 84 -6.60 -3.01 -14.82
C THR B 84 -5.58 -1.89 -14.64
N GLY B 85 -6.06 -0.77 -14.08
CA GLY B 85 -5.21 0.37 -13.83
C GLY B 85 -4.14 0.05 -12.79
N PHE B 86 -3.15 0.94 -12.72
CA PHE B 86 -2.02 0.75 -11.80
C PHE B 86 -2.06 1.67 -10.58
N SER B 87 -3.19 2.32 -10.32
CA SER B 87 -3.43 3.02 -9.06
C SER B 87 -2.48 4.19 -8.85
N TRP B 88 -2.08 4.88 -9.93
CA TRP B 88 -1.39 6.16 -9.78
C TRP B 88 -2.29 7.17 -9.08
N ARG B 89 -3.59 7.14 -9.38
CA ARG B 89 -4.55 8.07 -8.79
C ARG B 89 -5.23 7.52 -7.55
N GLY B 90 -4.97 6.27 -7.19
CA GLY B 90 -5.53 5.70 -5.98
C GLY B 90 -4.96 6.33 -4.73
N ASP B 93 -6.08 13.25 -1.89
CA ASP B 93 -7.04 13.44 -2.96
C ASP B 93 -6.37 13.39 -4.31
N PRO B 94 -6.95 12.69 -5.27
CA PRO B 94 -6.31 12.56 -6.58
C PRO B 94 -5.87 13.83 -7.32
N GLU B 95 -6.54 14.96 -7.14
CA GLU B 95 -6.20 16.18 -7.84
C GLU B 95 -5.06 17.00 -7.24
N THR B 96 -4.47 16.49 -6.19
CA THR B 96 -3.32 17.03 -5.55
C THR B 96 -2.19 17.26 -6.51
N THR B 97 -1.51 18.35 -6.32
CA THR B 97 -0.39 18.77 -7.14
C THR B 97 0.90 18.25 -6.53
N GLY B 98 1.71 17.55 -7.32
CA GLY B 98 2.94 17.01 -6.81
C GLY B 98 3.64 16.12 -7.82
N ILE B 99 4.65 15.41 -7.33
CA ILE B 99 5.47 14.51 -8.14
C ILE B 99 5.50 13.15 -7.47
N GLN B 100 5.14 12.12 -8.22
CA GLN B 100 5.21 10.73 -7.78
C GLN B 100 6.14 9.96 -8.69
N ILE B 101 6.80 8.95 -8.13
CA ILE B 101 7.57 8.00 -8.94
C ILE B 101 7.14 6.59 -8.59
N TRP B 102 7.31 5.69 -9.54
CA TRP B 102 6.98 4.29 -9.32
C TRP B 102 8.03 3.66 -8.42
N SER B 103 7.57 2.83 -7.47
CA SER B 103 8.47 2.28 -6.46
C SER B 103 9.46 1.29 -7.07
N GLU B 104 9.07 0.56 -8.10
CA GLU B 104 9.96 -0.42 -8.73
C GLU B 104 10.76 0.26 -9.83
N VAL B 105 12.07 0.36 -9.63
CA VAL B 105 13.00 0.80 -10.66
C VAL B 105 13.39 -0.41 -11.50
N PHE B 106 13.29 -0.28 -12.81
CA PHE B 106 13.62 -1.39 -13.70
C PHE B 106 15.07 -1.31 -14.13
N THR B 107 15.72 -2.48 -14.21
CA THR B 107 17.07 -2.60 -14.76
C THR B 107 16.97 -3.14 -16.18
N VAL B 108 17.49 -2.39 -17.14
CA VAL B 108 17.38 -2.74 -18.55
C VAL B 108 18.76 -2.74 -19.16
N GLU B 109 19.07 -3.78 -19.93
CA GLU B 109 20.35 -3.88 -20.62
C GLU B 109 20.22 -3.27 -22.02
N LYS B 110 21.00 -2.23 -22.28
CA LYS B 110 21.06 -1.63 -23.58
C LYS B 110 21.91 -2.48 -24.51
N PRO B 111 21.73 -2.34 -25.83
CA PRO B 111 22.58 -3.09 -26.77
C PRO B 111 24.06 -2.84 -26.45
N GLY B 112 24.83 -3.93 -26.44
CA GLY B 112 26.22 -3.86 -26.04
C GLY B 112 26.48 -4.22 -24.60
N GLY B 113 25.45 -4.27 -23.75
CA GLY B 113 25.54 -4.89 -22.45
C GLY B 113 25.40 -3.95 -21.27
N LYS B 114 25.51 -2.65 -21.48
CA LYS B 114 25.44 -1.72 -20.35
C LYS B 114 24.05 -1.74 -19.73
N LYS B 115 24.00 -1.85 -18.40
CA LYS B 115 22.76 -1.88 -17.65
C LYS B 115 22.46 -0.51 -17.06
N VAL B 116 21.19 -0.11 -17.14
CA VAL B 116 20.74 1.20 -16.68
C VAL B 116 19.50 1.04 -15.85
N ALA B 117 19.21 2.05 -15.03
CA ALA B 117 18.02 2.09 -14.20
C ALA B 117 16.97 2.97 -14.87
N VAL B 118 15.72 2.51 -14.90
CA VAL B 118 14.62 3.21 -15.53
C VAL B 118 13.62 3.63 -14.45
N VAL B 119 13.38 4.93 -14.34
CA VAL B 119 12.48 5.52 -13.36
C VAL B 119 11.34 6.18 -14.10
N LEU B 120 10.09 5.92 -13.66
CA LEU B 120 8.88 6.56 -14.18
C LEU B 120 8.40 7.62 -13.19
N MET B 121 8.08 8.81 -13.71
CA MET B 121 7.71 9.94 -12.87
C MET B 121 6.38 10.52 -13.30
N ASP B 122 5.53 10.82 -12.31
CA ASP B 122 4.19 11.36 -12.50
C ASP B 122 4.19 12.80 -12.00
N THR B 123 4.01 13.75 -12.91
CA THR B 123 4.07 15.17 -12.60
C THR B 123 2.70 15.80 -12.83
N GLN B 124 1.98 16.07 -11.74
CA GLN B 124 0.64 16.61 -11.86
C GLN B 124 0.54 17.94 -11.14
N GLY B 125 0.05 18.94 -11.88
CA GLY B 125 -0.15 20.27 -11.36
C GLY B 125 -1.29 20.96 -12.07
N ALA B 126 -1.46 22.27 -11.82
CA ALA B 126 -2.58 23.00 -12.41
C ALA B 126 -2.36 23.23 -13.90
N PHE B 127 -1.17 23.70 -14.28
CA PHE B 127 -0.84 24.01 -15.67
C PHE B 127 -1.89 24.88 -16.36
N VAL B 133 -3.32 32.39 -9.93
CA VAL B 133 -2.74 33.29 -8.94
C VAL B 133 -1.54 32.63 -8.25
N LYS B 134 -1.74 31.39 -7.79
CA LYS B 134 -0.68 30.67 -7.12
C LYS B 134 0.27 30.05 -8.13
N ASP B 135 1.45 29.66 -7.64
CA ASP B 135 2.53 29.15 -8.47
C ASP B 135 2.65 27.64 -8.30
N CYS B 136 1.93 26.89 -9.15
CA CYS B 136 2.22 25.47 -9.32
C CYS B 136 3.43 25.24 -10.22
N ALA B 137 4.10 26.32 -10.63
CA ALA B 137 5.23 26.24 -11.55
C ALA B 137 6.42 25.53 -10.92
N THR B 138 6.47 25.44 -9.59
CA THR B 138 7.55 24.75 -8.91
C THR B 138 7.62 23.30 -9.37
N ILE B 139 6.46 22.65 -9.48
CA ILE B 139 6.42 21.22 -9.81
C ILE B 139 6.98 20.96 -11.21
N PHE B 140 6.59 21.80 -12.18
CA PHE B 140 7.02 21.59 -13.56
C PHE B 140 8.53 21.77 -13.70
N ALA B 141 9.10 22.73 -12.98
CA ALA B 141 10.54 22.96 -13.06
C ALA B 141 11.32 21.81 -12.47
N LEU B 142 10.95 21.35 -11.27
CA LEU B 142 11.71 20.31 -10.60
C LEU B 142 11.72 19.03 -11.43
N SER B 143 10.57 18.63 -11.97
CA SER B 143 10.52 17.42 -12.79
C SER B 143 11.26 17.58 -14.10
N THR B 144 11.24 18.78 -14.69
CA THR B 144 11.97 18.98 -15.93
C THR B 144 13.48 18.95 -15.69
N MET B 145 13.94 19.52 -14.56
CA MET B 145 15.36 19.54 -14.24
C MET B 145 15.91 18.18 -13.83
N THR B 146 15.02 17.22 -13.51
CA THR B 146 15.44 15.92 -13.00
C THR B 146 15.13 14.78 -13.95
N SER B 147 14.68 15.06 -15.17
CA SER B 147 14.26 14.02 -16.10
C SER B 147 15.13 14.04 -17.33
N SER B 148 15.25 12.87 -17.96
CA SER B 148 15.91 12.80 -19.26
C SER B 148 14.91 12.96 -20.39
N VAL B 149 13.64 12.60 -20.17
CA VAL B 149 12.58 12.78 -21.15
C VAL B 149 11.39 13.43 -20.44
N GLN B 150 11.05 14.65 -20.85
CA GLN B 150 9.89 15.35 -20.33
C GLN B 150 8.77 15.25 -21.35
N ILE B 151 7.74 14.47 -21.02
CA ILE B 151 6.60 14.25 -21.90
C ILE B 151 5.51 15.22 -21.48
N TYR B 152 5.39 16.31 -22.22
CA TYR B 152 4.44 17.39 -21.93
C TYR B 152 3.10 16.99 -22.50
N ASN B 153 2.22 16.48 -21.62
CA ASN B 153 0.97 15.87 -22.03
C ASN B 153 -0.10 16.94 -22.19
N LEU B 154 -0.57 17.15 -23.42
CA LEU B 154 -1.53 18.21 -23.73
C LEU B 154 -2.74 17.63 -24.42
N SER B 155 -3.86 18.33 -24.31
CA SER B 155 -5.11 17.93 -24.93
C SER B 155 -5.31 18.68 -26.25
N GLN B 156 -5.37 17.93 -27.35
CA GLN B 156 -5.88 18.37 -28.64
C GLN B 156 -5.02 19.40 -29.38
N ASN B 157 -4.23 20.19 -28.67
CA ASN B 157 -3.46 21.21 -29.36
C ASN B 157 -2.39 21.73 -28.43
N ILE B 158 -1.34 22.28 -29.05
CA ILE B 158 -0.34 23.06 -28.32
C ILE B 158 -0.78 24.52 -28.39
N GLN B 159 -1.13 25.06 -27.25
CA GLN B 159 -1.63 26.41 -27.09
C GLN B 159 -0.63 27.39 -26.59
N GLU B 160 -0.87 28.66 -26.81
CA GLU B 160 0.05 29.68 -26.40
C GLU B 160 0.32 29.65 -24.96
N ASP B 161 -0.70 29.28 -24.24
CA ASP B 161 -0.53 29.30 -22.81
C ASP B 161 0.17 28.02 -22.38
N ASP B 162 0.18 27.00 -23.20
CA ASP B 162 0.97 25.84 -22.92
C ASP B 162 2.42 26.23 -23.08
N LEU B 163 2.77 26.81 -24.21
CA LEU B 163 4.14 27.24 -24.44
C LEU B 163 4.58 28.25 -23.40
N GLN B 164 3.66 29.10 -22.94
CA GLN B 164 4.02 30.14 -21.98
C GLN B 164 4.64 29.55 -20.73
N GLN B 165 4.24 28.34 -20.35
CA GLN B 165 4.79 27.73 -19.15
C GLN B 165 6.20 27.20 -19.35
N LEU B 166 6.74 27.29 -20.57
CA LEU B 166 8.15 27.00 -20.78
C LEU B 166 9.01 28.21 -20.47
N GLN B 167 8.41 29.36 -20.17
CA GLN B 167 9.19 30.55 -19.81
C GLN B 167 9.98 30.36 -18.53
N LEU B 168 9.74 29.28 -17.79
CA LEU B 168 10.56 28.99 -16.62
C LEU B 168 12.03 28.85 -16.99
N PHE B 169 12.33 28.30 -18.17
CA PHE B 169 13.69 27.89 -18.49
C PHE B 169 14.37 28.75 -19.55
N THR B 170 13.62 29.59 -20.20
CA THR B 170 14.12 30.45 -21.22
C THR B 170 15.46 31.05 -20.93
N GLU B 171 15.51 31.66 -19.80
CA GLU B 171 16.66 32.40 -19.61
C GLU B 171 17.73 31.63 -18.97
N TYR B 172 17.42 30.44 -18.52
CA TYR B 172 18.42 29.55 -17.98
C TYR B 172 19.11 29.00 -19.18
N GLY B 173 18.33 28.62 -20.16
CA GLY B 173 18.85 28.10 -21.38
C GLY B 173 19.70 29.15 -22.02
N ARG B 174 19.27 30.39 -22.00
CA ARG B 174 20.05 31.46 -22.59
C ARG B 174 21.34 31.63 -21.86
N LEU B 175 21.29 31.57 -20.56
CA LEU B 175 22.45 31.74 -19.76
C LEU B 175 23.44 30.68 -20.10
N ALA B 176 23.03 29.45 -19.92
CA ALA B 176 23.89 28.32 -20.15
C ALA B 176 24.58 28.35 -21.45
N MET B 177 23.84 28.54 -22.49
CA MET B 177 24.50 28.54 -23.80
C MET B 177 25.60 29.60 -23.87
N ASP B 178 25.32 30.81 -23.43
CA ASP B 178 26.42 31.76 -23.59
C ASP B 178 27.48 31.55 -22.51
N GLU B 179 27.16 31.16 -21.27
CA GLU B 179 28.19 31.05 -20.26
C GLU B 179 29.08 29.82 -20.48
N ILE B 180 28.48 28.65 -20.71
CA ILE B 180 29.30 27.43 -20.77
C ILE B 180 28.97 26.58 -21.99
N PHE B 181 28.21 27.15 -22.95
CA PHE B 181 27.94 26.50 -24.23
C PHE B 181 27.20 25.17 -24.07
N GLN B 182 26.30 25.11 -23.09
CA GLN B 182 25.54 23.90 -22.83
C GLN B 182 24.06 24.17 -22.94
N LYS B 183 23.32 23.19 -23.47
CA LYS B 183 21.87 23.16 -23.32
C LYS B 183 21.54 22.46 -22.02
N PRO B 184 20.80 23.08 -21.10
CA PRO B 184 20.67 22.50 -19.75
C PRO B 184 19.81 21.25 -19.67
N PHE B 185 18.89 21.03 -20.61
CA PHE B 185 17.96 19.91 -20.52
C PHE B 185 18.08 19.03 -21.74
N GLN B 186 17.49 17.83 -21.65
CA GLN B 186 17.59 16.86 -22.73
C GLN B 186 16.37 16.92 -23.65
N THR B 187 15.41 16.02 -23.47
CA THR B 187 14.32 15.87 -24.43
C THR B 187 13.00 16.40 -23.86
N LEU B 188 12.35 17.28 -24.62
CA LEU B 188 10.97 17.68 -24.35
C LEU B 188 10.10 17.15 -25.49
N MET B 189 9.09 16.35 -25.16
CA MET B 189 8.19 15.79 -26.15
C MET B 189 6.77 16.27 -25.86
N PHE B 190 6.18 17.00 -26.81
CA PHE B 190 4.78 17.38 -26.73
C PHE B 190 3.93 16.18 -27.14
N LEU B 191 3.17 15.65 -26.20
CA LEU B 191 2.26 14.54 -26.45
C LEU B 191 0.86 15.11 -26.55
N VAL B 192 0.30 15.12 -27.75
CA VAL B 192 -0.99 15.77 -28.03
C VAL B 192 -2.06 14.68 -28.08
N ARG B 193 -2.97 14.70 -27.10
CA ARG B 193 -3.99 13.68 -26.97
C ARG B 193 -5.24 14.07 -27.74
N ASP B 194 -5.98 13.04 -28.19
CA ASP B 194 -7.22 13.21 -28.95
C ASP B 194 -7.03 14.09 -30.19
N TRP B 195 -5.90 13.93 -30.85
CA TRP B 195 -5.67 14.65 -32.10
C TRP B 195 -6.78 14.33 -33.10
N SER B 196 -7.42 15.37 -33.63
CA SER B 196 -8.64 15.19 -34.42
C SER B 196 -8.48 15.64 -35.87
N PHE B 197 -7.27 15.90 -36.33
CA PHE B 197 -7.05 16.38 -37.69
C PHE B 197 -6.00 15.55 -38.41
N PRO B 198 -6.22 14.24 -38.55
CA PRO B 198 -5.26 13.42 -39.29
C PRO B 198 -5.15 13.82 -40.75
N TYR B 199 -6.19 14.42 -41.33
CA TYR B 199 -6.12 14.87 -42.71
C TYR B 199 -5.23 16.09 -42.89
N GLU B 200 -4.85 16.77 -41.81
CA GLU B 200 -3.88 17.86 -41.87
C GLU B 200 -2.50 17.42 -41.40
N TYR B 201 -2.42 16.74 -40.26
CA TYR B 201 -1.18 16.14 -39.78
C TYR B 201 -1.46 14.72 -39.30
N SER B 202 -0.72 13.77 -39.84
CA SER B 202 -0.97 12.36 -39.55
C SER B 202 -0.62 12.03 -38.11
N TYR B 203 -1.32 11.02 -37.56
CA TYR B 203 -0.98 10.54 -36.22
C TYR B 203 0.47 10.09 -36.17
N GLY B 204 1.09 10.29 -35.02
CA GLY B 204 2.42 9.77 -34.79
C GLY B 204 3.49 10.85 -34.77
N LEU B 205 4.72 10.41 -35.04
CA LEU B 205 5.89 11.25 -34.82
C LEU B 205 6.11 12.23 -35.99
N GLN B 206 6.00 11.75 -37.24
CA GLN B 206 6.35 12.67 -38.32
C GLN B 206 5.26 13.70 -38.53
N GLY B 207 3.98 13.34 -38.44
CA GLY B 207 2.93 14.36 -38.39
C GLY B 207 3.11 15.31 -37.23
N GLY B 208 3.49 14.77 -36.07
CA GLY B 208 3.75 15.63 -34.91
C GLY B 208 4.84 16.66 -35.17
N MET B 209 5.96 16.23 -35.78
CA MET B 209 7.07 17.13 -36.03
C MET B 209 6.69 18.25 -37.00
N ALA B 210 5.91 17.93 -38.03
CA ALA B 210 5.44 18.98 -38.94
C ALA B 210 4.51 19.94 -38.23
N PHE B 211 3.60 19.41 -37.42
CA PHE B 211 2.68 20.26 -36.66
C PHE B 211 3.42 21.14 -35.68
N LEU B 212 4.44 20.58 -35.02
CA LEU B 212 5.23 21.36 -34.07
C LEU B 212 6.04 22.45 -34.77
N ASP B 213 6.63 22.15 -35.94
CA ASP B 213 7.34 23.16 -36.69
C ASP B 213 6.42 24.31 -37.07
N LYS B 214 5.15 24.01 -37.40
CA LYS B 214 4.19 25.06 -37.69
C LYS B 214 3.88 25.89 -36.44
N ARG B 215 3.58 25.22 -35.33
CA ARG B 215 3.19 25.94 -34.11
C ARG B 215 4.34 26.76 -33.53
N LEU B 216 5.58 26.29 -33.66
CA LEU B 216 6.71 26.98 -33.05
C LEU B 216 7.21 28.15 -33.89
N GLN B 217 6.58 28.47 -35.02
CA GLN B 217 7.08 29.55 -35.86
C GLN B 217 6.56 30.90 -35.36
N VAL B 218 7.46 31.88 -35.30
CA VAL B 218 7.14 33.17 -34.74
C VAL B 218 6.27 33.97 -35.70
N LYS B 219 5.23 34.59 -35.15
CA LYS B 219 4.31 35.42 -35.92
C LYS B 219 4.02 36.70 -35.14
N GLU B 220 3.52 37.71 -35.85
CA GLU B 220 3.41 39.06 -35.27
C GLU B 220 2.36 39.11 -34.16
N HIS B 221 1.24 38.42 -34.34
CA HIS B 221 0.12 38.57 -33.41
C HIS B 221 0.37 37.89 -32.06
N GLN B 222 1.34 37.00 -31.96
CA GLN B 222 1.62 36.32 -30.70
C GLN B 222 2.13 37.31 -29.66
N HIS B 223 1.70 37.11 -28.41
CA HIS B 223 2.21 37.93 -27.32
C HIS B 223 3.72 37.78 -27.21
N GLU B 224 4.38 38.89 -26.85
CA GLU B 224 5.84 39.03 -26.85
C GLU B 224 6.52 37.94 -26.02
N GLU B 225 5.92 37.64 -24.87
CA GLU B 225 6.54 36.71 -23.94
C GLU B 225 6.55 35.30 -24.51
N ILE B 226 5.52 34.92 -25.26
CA ILE B 226 5.48 33.59 -25.87
C ILE B 226 6.37 33.55 -27.10
N GLN B 227 6.51 34.67 -27.81
CA GLN B 227 7.50 34.72 -28.87
C GLN B 227 8.91 34.54 -28.31
N ASN B 228 9.16 35.06 -27.10
CA ASN B 228 10.44 34.81 -26.43
C ASN B 228 10.67 33.32 -26.23
N VAL B 229 9.62 32.57 -25.89
CA VAL B 229 9.74 31.13 -25.69
C VAL B 229 10.13 30.45 -27.01
N ARG B 230 9.43 30.79 -28.09
CA ARG B 230 9.78 30.24 -29.40
C ARG B 230 11.22 30.56 -29.78
N ASN B 231 11.74 31.69 -29.29
CA ASN B 231 13.06 32.14 -29.70
C ASN B 231 14.16 31.32 -29.05
N HIS B 232 13.94 30.80 -27.85
CA HIS B 232 15.01 30.19 -27.07
C HIS B 232 14.69 28.78 -26.58
N ILE B 233 13.61 28.16 -27.06
CA ILE B 233 13.30 26.81 -26.59
C ILE B 233 14.39 25.83 -27.01
N HIS B 234 15.03 26.09 -28.14
CA HIS B 234 16.06 25.17 -28.61
C HIS B 234 17.40 25.37 -27.92
N SER B 235 17.55 26.42 -27.12
CA SER B 235 18.70 26.53 -26.22
C SER B 235 18.43 25.91 -24.86
N CYS B 236 17.16 25.65 -24.53
CA CYS B 236 16.83 24.98 -23.28
C CYS B 236 16.95 23.47 -23.41
N PHE B 237 16.49 22.92 -24.53
CA PHE B 237 16.36 21.48 -24.69
C PHE B 237 17.23 21.00 -25.85
N SER B 238 17.94 19.90 -25.64
CA SER B 238 18.73 19.30 -26.71
C SER B 238 17.84 18.78 -27.82
N ASP B 239 16.62 18.35 -27.49
CA ASP B 239 15.69 17.83 -28.47
C ASP B 239 14.28 18.29 -28.12
N VAL B 240 13.55 18.73 -29.14
CA VAL B 240 12.15 19.11 -29.00
C VAL B 240 11.36 18.29 -30.02
N THR B 241 10.51 17.39 -29.54
CA THR B 241 9.75 16.41 -30.30
C THR B 241 8.25 16.62 -30.05
N CYS B 242 7.41 16.06 -30.91
CA CYS B 242 5.96 16.06 -30.71
C CYS B 242 5.35 14.81 -31.35
N PHE B 243 4.48 14.15 -30.60
CA PHE B 243 3.79 12.95 -31.05
C PHE B 243 2.28 13.17 -30.94
N LEU B 244 1.54 12.90 -32.03
CA LEU B 244 0.11 13.19 -32.10
C LEU B 244 -0.66 11.88 -31.87
N LEU B 245 -1.35 11.79 -30.73
CA LEU B 245 -2.00 10.54 -30.35
C LEU B 245 -3.50 10.64 -30.61
N PRO B 246 -4.12 9.62 -31.20
CA PRO B 246 -5.57 9.67 -31.45
C PRO B 246 -6.39 9.47 -30.17
N HIS B 247 -7.70 9.65 -30.34
CA HIS B 247 -8.64 9.45 -29.25
C HIS B 247 -8.80 7.97 -28.96
N PRO B 248 -8.88 7.59 -27.68
CA PRO B 248 -8.96 6.17 -27.32
C PRO B 248 -10.36 5.58 -27.33
N GLY B 249 -11.38 6.34 -27.72
CA GLY B 249 -12.74 5.83 -27.77
C GLY B 249 -13.58 6.33 -26.59
N LEU B 250 -14.90 6.34 -26.79
CA LEU B 250 -15.79 6.90 -25.79
C LEU B 250 -15.79 6.08 -24.50
N GLN B 251 -15.55 4.76 -24.60
CA GLN B 251 -15.53 3.93 -23.40
C GLN B 251 -14.44 4.39 -22.43
N VAL B 252 -13.24 4.64 -22.94
CA VAL B 252 -12.17 5.14 -22.08
C VAL B 252 -12.45 6.58 -21.66
N ALA B 253 -12.96 7.41 -22.58
CA ALA B 253 -13.09 8.84 -22.30
C ALA B 253 -14.08 9.11 -21.17
N THR B 254 -15.11 8.29 -21.02
CA THR B 254 -16.15 8.56 -20.04
C THR B 254 -16.10 7.64 -18.82
N SER B 255 -15.01 6.91 -18.63
CA SER B 255 -15.01 5.98 -17.52
C SER B 255 -14.20 6.51 -16.34
N PRO B 256 -14.71 6.39 -15.11
CA PRO B 256 -13.91 6.82 -13.95
C PRO B 256 -12.69 5.96 -13.71
N ASP B 257 -12.76 4.65 -13.96
CA ASP B 257 -11.63 3.76 -13.73
C ASP B 257 -11.71 2.64 -14.78
N PHE B 258 -11.05 2.88 -15.91
CA PHE B 258 -11.32 2.05 -17.08
C PHE B 258 -10.90 0.60 -16.84
N ASP B 259 -11.86 -0.32 -16.97
CA ASP B 259 -11.60 -1.75 -16.85
C ASP B 259 -12.26 -2.54 -17.96
N GLY B 260 -12.49 -1.89 -19.11
CA GLY B 260 -12.99 -2.58 -20.26
C GLY B 260 -11.95 -3.51 -20.85
N LYS B 261 -12.37 -4.25 -21.88
CA LYS B 261 -11.44 -5.13 -22.58
C LYS B 261 -10.62 -4.31 -23.57
N LEU B 262 -9.45 -4.87 -23.94
CA LEU B 262 -8.54 -4.16 -24.83
C LEU B 262 -9.18 -3.93 -26.20
N LYS B 263 -9.97 -4.90 -26.68
CA LYS B 263 -10.61 -4.76 -27.98
C LYS B 263 -11.61 -3.61 -28.01
N ASP B 264 -12.05 -3.10 -26.85
CA ASP B 264 -12.98 -1.99 -26.82
C ASP B 264 -12.29 -0.63 -26.86
N ILE B 265 -10.96 -0.59 -26.79
CA ILE B 265 -10.21 0.62 -27.02
C ILE B 265 -10.11 0.84 -28.53
N ALA B 266 -10.17 2.10 -28.95
CA ALA B 266 -10.13 2.41 -30.38
C ALA B 266 -8.85 1.88 -31.02
N GLY B 267 -9.00 1.29 -32.21
CA GLY B 267 -7.88 0.59 -32.82
C GLY B 267 -6.73 1.51 -33.22
N GLU B 268 -7.06 2.71 -33.70
CA GLU B 268 -6.02 3.64 -34.09
C GLU B 268 -5.20 4.12 -32.88
N PHE B 269 -5.85 4.23 -31.72
CA PHE B 269 -5.12 4.54 -30.50
C PHE B 269 -4.12 3.41 -30.17
N LYS B 270 -4.53 2.16 -30.33
CA LYS B 270 -3.66 1.03 -30.03
C LYS B 270 -2.51 0.96 -31.02
N GLU B 271 -2.81 1.11 -32.32
CA GLU B 271 -1.77 1.18 -33.34
C GLU B 271 -0.72 2.22 -32.97
N GLN B 272 -1.16 3.46 -32.70
CA GLN B 272 -0.21 4.53 -32.40
C GLN B 272 0.50 4.30 -31.08
N LEU B 273 -0.19 3.71 -30.11
CA LEU B 273 0.46 3.33 -28.85
C LEU B 273 1.63 2.39 -29.10
N GLN B 274 1.46 1.42 -30.01
CA GLN B 274 2.52 0.46 -30.31
C GLN B 274 3.74 1.13 -30.92
N ALA B 275 3.60 2.34 -31.46
CA ALA B 275 4.76 3.10 -31.88
C ALA B 275 5.31 3.99 -30.75
N LEU B 276 4.43 4.63 -29.96
CA LEU B 276 4.88 5.65 -29.02
C LEU B 276 5.64 5.05 -27.84
N ILE B 277 5.17 3.93 -27.31
CA ILE B 277 5.76 3.38 -26.08
C ILE B 277 7.17 2.83 -26.36
N PRO B 278 7.38 2.00 -27.39
CA PRO B 278 8.77 1.59 -27.67
C PRO B 278 9.62 2.74 -28.16
N TYR B 279 9.02 3.77 -28.76
CA TYR B 279 9.82 4.93 -29.14
C TYR B 279 10.44 5.60 -27.93
N VAL B 280 9.82 5.47 -26.77
CA VAL B 280 10.39 6.01 -25.54
C VAL B 280 11.22 4.97 -24.78
N LEU B 281 10.78 3.71 -24.73
CA LEU B 281 11.28 2.76 -23.75
C LEU B 281 12.02 1.56 -24.34
N ASN B 282 12.13 1.45 -25.64
CA ASN B 282 12.96 0.38 -26.21
C ASN B 282 14.39 0.54 -25.70
N PRO B 283 15.07 -0.55 -25.34
CA PRO B 283 16.45 -0.43 -24.82
C PRO B 283 17.35 0.46 -25.64
N SER B 284 17.29 0.38 -26.97
CA SER B 284 18.14 1.23 -27.79
C SER B 284 17.72 2.70 -27.73
N LYS B 285 16.52 3.01 -27.24
CA LYS B 285 16.03 4.38 -27.15
C LYS B 285 16.23 5.02 -25.78
N LEU B 286 16.54 4.23 -24.76
CA LEU B 286 16.64 4.79 -23.41
C LEU B 286 17.80 5.78 -23.31
N MET B 287 17.50 6.97 -22.80
CA MET B 287 18.48 8.04 -22.67
C MET B 287 18.78 8.28 -21.20
N GLU B 288 20.02 8.05 -20.79
CA GLU B 288 20.35 8.28 -19.39
C GLU B 288 20.38 9.78 -19.10
N LYS B 289 19.93 10.12 -17.89
CA LYS B 289 20.01 11.50 -17.46
C LYS B 289 21.46 11.96 -17.53
N GLU B 290 21.68 13.13 -18.13
CA GLU B 290 23.01 13.72 -18.20
C GLU B 290 22.96 15.13 -17.67
N ILE B 291 23.91 15.47 -16.80
CA ILE B 291 24.11 16.83 -16.32
C ILE B 291 25.57 17.20 -16.51
N ASN B 292 25.82 18.39 -17.08
CA ASN B 292 27.17 18.86 -17.40
C ASN B 292 27.85 17.91 -18.39
N GLY B 293 27.06 17.25 -19.24
CA GLY B 293 27.59 16.25 -20.13
C GLY B 293 28.04 14.98 -19.47
N SER B 294 27.64 14.75 -18.21
CA SER B 294 28.01 13.56 -17.47
C SER B 294 26.76 12.76 -17.13
N LYS B 295 26.85 11.45 -17.29
CA LYS B 295 25.72 10.60 -16.94
C LYS B 295 25.55 10.56 -15.43
N VAL B 296 24.29 10.44 -15.00
CA VAL B 296 23.91 10.56 -13.60
C VAL B 296 23.43 9.21 -13.09
N THR B 297 23.86 8.86 -11.88
CA THR B 297 23.45 7.63 -11.23
C THR B 297 22.19 7.87 -10.42
N CYS B 298 21.56 6.78 -9.98
CA CYS B 298 20.48 6.89 -9.00
C CYS B 298 20.97 7.59 -7.74
N ARG B 299 22.20 7.29 -7.33
CA ARG B 299 22.80 7.96 -6.19
C ARG B 299 22.92 9.46 -6.44
N GLY B 300 23.46 9.83 -7.60
CA GLY B 300 23.63 11.24 -7.92
C GLY B 300 22.31 11.97 -8.08
N LEU B 301 21.29 11.27 -8.59
CA LEU B 301 19.99 11.92 -8.80
C LEU B 301 19.39 12.40 -7.49
N LEU B 302 19.55 11.64 -6.41
CA LEU B 302 19.07 12.06 -5.11
C LEU B 302 19.66 13.42 -4.73
N GLU B 303 20.96 13.60 -4.94
CA GLU B 303 21.60 14.88 -4.61
C GLU B 303 20.99 16.02 -5.40
N TYR B 304 20.57 15.76 -6.64
CA TYR B 304 19.94 16.81 -7.43
C TYR B 304 18.58 17.17 -6.87
N PHE B 305 17.81 16.18 -6.42
CA PHE B 305 16.51 16.47 -5.81
C PHE B 305 16.68 17.28 -4.54
N LYS B 306 17.70 16.97 -3.74
CA LYS B 306 17.92 17.68 -2.49
C LYS B 306 18.30 19.14 -2.74
N ALA B 307 19.23 19.37 -3.67
CA ALA B 307 19.68 20.72 -3.94
C ALA B 307 18.61 21.55 -4.62
N TYR B 308 17.79 20.93 -5.48
CA TYR B 308 16.81 21.70 -6.24
C TYR B 308 15.65 22.15 -5.35
N ILE B 309 15.26 21.34 -4.41
CA ILE B 309 14.11 21.64 -3.66
C ILE B 309 14.40 22.90 -2.95
N LYS B 310 15.57 23.01 -2.41
CA LYS B 310 15.90 24.03 -1.49
C LYS B 310 15.74 25.38 -2.13
N ILE B 311 15.77 25.46 -3.41
CA ILE B 311 15.79 26.75 -4.05
C ILE B 311 14.46 27.08 -4.67
N TYR B 312 13.48 26.24 -4.42
CA TYR B 312 12.16 26.49 -4.94
C TYR B 312 11.17 26.67 -3.81
N GLN B 313 11.65 26.65 -2.59
CA GLN B 313 10.77 26.84 -1.45
C GLN B 313 11.09 28.17 -0.74
N GLY B 314 10.85 29.25 -1.49
CA GLY B 314 11.05 30.61 -1.09
C GLY B 314 9.82 31.37 -1.55
N GLU B 315 9.99 32.65 -1.84
CA GLU B 315 8.91 33.51 -2.23
C GLU B 315 8.94 33.90 -3.66
N ASP B 316 10.13 34.09 -4.15
CA ASP B 316 10.28 34.42 -5.54
C ASP B 316 10.95 33.27 -6.26
N LEU B 317 10.58 33.06 -7.51
CA LEU B 317 11.20 31.98 -8.27
C LEU B 317 12.71 32.25 -8.41
N PRO B 318 13.51 31.20 -8.48
CA PRO B 318 14.96 31.38 -8.51
C PRO B 318 15.44 32.08 -9.78
N HIS B 319 16.48 32.90 -9.62
CA HIS B 319 17.27 33.46 -10.69
C HIS B 319 17.95 32.34 -11.49
N PRO B 320 18.13 32.46 -12.81
CA PRO B 320 18.98 31.48 -13.51
C PRO B 320 20.31 31.22 -12.85
N LYS B 321 20.95 32.25 -12.27
CA LYS B 321 22.24 32.04 -11.62
C LYS B 321 22.13 31.08 -10.45
N SER B 322 20.99 31.09 -9.74
CA SER B 322 20.81 30.17 -8.62
C SER B 322 20.51 28.75 -9.10
N MET B 323 19.77 28.62 -10.21
CA MET B 323 19.57 27.30 -10.80
C MET B 323 20.90 26.69 -11.21
N LEU B 324 21.76 27.47 -11.86
CA LEU B 324 23.07 26.96 -12.23
C LEU B 324 23.88 26.62 -10.98
N GLN B 325 23.87 27.53 -10.00
CA GLN B 325 24.59 27.29 -8.74
C GLN B 325 24.15 25.99 -8.10
N ALA B 326 22.86 25.75 -8.09
CA ALA B 326 22.42 24.55 -7.47
C ALA B 326 22.88 23.32 -8.21
N THR B 327 22.76 23.33 -9.53
CA THR B 327 23.17 22.19 -10.27
C THR B 327 24.65 22.02 -10.03
N ALA B 328 25.43 23.07 -10.12
CA ALA B 328 26.86 22.97 -9.86
C ALA B 328 27.14 22.43 -8.46
N GLU B 329 26.36 22.89 -7.46
CA GLU B 329 26.49 22.36 -6.11
C GLU B 329 26.30 20.85 -6.13
N ALA B 330 25.08 20.39 -6.42
CA ALA B 330 24.76 18.97 -6.30
C ALA B 330 25.71 18.10 -7.10
N ASN B 331 26.23 18.61 -8.20
CA ASN B 331 27.17 17.84 -8.99
C ASN B 331 28.39 17.47 -8.21
N ASN B 332 28.94 18.42 -7.49
CA ASN B 332 30.10 18.17 -6.68
C ASN B 332 29.78 17.26 -5.55
N LEU B 333 28.61 17.44 -4.97
CA LEU B 333 28.22 16.65 -3.86
C LEU B 333 28.12 15.22 -4.25
N ALA B 334 27.73 15.00 -5.48
CA ALA B 334 27.62 13.67 -5.98
C ALA B 334 28.98 13.05 -5.92
N ALA B 335 29.92 13.70 -6.57
CA ALA B 335 31.29 13.20 -6.63
C ALA B 335 31.87 12.97 -5.24
N ALA B 336 31.55 13.86 -4.31
CA ALA B 336 32.00 13.68 -2.93
C ALA B 336 31.40 12.41 -2.33
N ALA B 337 30.16 12.09 -2.69
CA ALA B 337 29.50 10.91 -2.14
C ALA B 337 30.25 9.64 -2.54
N SER B 338 30.67 9.54 -3.79
CA SER B 338 31.46 8.38 -4.22
C SER B 338 32.76 8.28 -3.44
N ALA B 339 33.47 9.41 -3.31
CA ALA B 339 34.64 9.42 -2.44
C ALA B 339 34.25 9.25 -0.98
N LYS B 340 33.02 9.61 -0.62
CA LYS B 340 32.54 9.39 0.75
C LYS B 340 32.20 7.93 0.98
N ASP B 341 31.42 7.34 0.06
CA ASP B 341 31.03 5.94 0.16
C ASP B 341 32.16 4.98 -0.20
N ILE B 342 33.42 5.41 -0.07
CA ILE B 342 34.56 4.61 -0.50
C ILE B 342 35.03 3.64 0.57
N TYR B 343 34.33 3.54 1.70
CA TYR B 343 34.65 2.56 2.73
C TYR B 343 34.64 1.13 2.18
N LYS B 366 47.32 3.45 8.53
CA LYS B 366 47.32 2.63 7.32
C LYS B 366 46.44 3.25 6.25
N HIS B 367 45.32 3.83 6.67
CA HIS B 367 44.37 4.43 5.74
C HIS B 367 44.85 5.74 5.13
N CYS B 368 46.07 6.19 5.46
CA CYS B 368 46.61 7.38 4.81
C CYS B 368 46.75 7.17 3.31
N GLU B 369 46.99 5.92 2.89
CA GLU B 369 46.98 5.62 1.46
C GLU B 369 45.56 5.69 0.90
N PHE B 370 44.55 5.38 1.72
CA PHE B 370 43.17 5.34 1.23
C PHE B 370 42.49 6.71 1.25
N LYS B 371 42.93 7.61 2.13
CA LYS B 371 42.47 8.99 2.04
C LYS B 371 42.95 9.64 0.76
N GLN B 372 44.22 9.41 0.40
CA GLN B 372 44.74 9.85 -0.89
C GLN B 372 43.96 9.22 -2.03
N LEU B 373 43.53 7.96 -1.87
CA LEU B 373 42.78 7.30 -2.93
C LEU B 373 41.41 7.93 -3.12
N ALA B 374 40.69 8.17 -2.02
CA ALA B 374 39.36 8.76 -2.12
C ALA B 374 39.44 10.18 -2.68
N LEU B 375 40.40 10.96 -2.22
CA LEU B 375 40.60 12.31 -2.75
C LEU B 375 40.78 12.29 -4.26
N ASP B 376 41.70 11.45 -4.74
CA ASP B 376 41.98 11.42 -6.17
C ASP B 376 40.76 10.99 -6.98
N HIS B 377 40.04 10.00 -6.50
CA HIS B 377 38.78 9.64 -7.16
C HIS B 377 37.83 10.85 -7.23
N PHE B 378 37.86 11.69 -6.21
CA PHE B 378 37.09 12.93 -6.25
C PHE B 378 37.64 13.87 -7.31
N LYS B 379 38.97 14.08 -7.31
CA LYS B 379 39.52 15.09 -8.21
C LYS B 379 39.41 14.68 -9.67
N LYS B 380 39.57 13.40 -10.00
CA LYS B 380 39.50 12.99 -11.40
C LYS B 380 38.08 13.06 -11.95
N THR B 381 37.07 12.87 -11.10
CA THR B 381 35.69 13.04 -11.55
C THR B 381 35.48 14.46 -12.06
N LYS B 382 34.85 14.57 -13.24
CA LYS B 382 34.57 15.88 -13.80
C LYS B 382 33.49 16.57 -12.97
N LYS B 383 33.82 17.72 -12.40
CA LYS B 383 32.89 18.46 -11.55
C LYS B 383 32.65 19.83 -12.16
N MET B 384 31.54 20.44 -11.75
CA MET B 384 31.21 21.79 -12.13
C MET B 384 31.86 22.79 -11.17
N GLY B 385 32.04 24.04 -11.67
CA GLY B 385 32.38 25.17 -10.83
C GLY B 385 33.79 25.68 -11.00
N GLY B 386 34.71 24.83 -11.44
CA GLY B 386 36.10 25.23 -11.48
C GLY B 386 36.85 24.82 -10.22
N LYS B 387 38.16 25.08 -10.25
CA LYS B 387 39.03 24.63 -9.16
C LYS B 387 38.61 25.24 -7.82
N ASP B 388 38.50 26.57 -7.77
CA ASP B 388 38.14 27.24 -6.52
C ASP B 388 36.81 26.72 -5.98
N PHE B 389 35.81 26.60 -6.84
CA PHE B 389 34.49 26.18 -6.39
C PHE B 389 34.51 24.73 -5.88
N SER B 390 35.19 23.84 -6.61
CA SER B 390 35.25 22.45 -6.17
C SER B 390 36.07 22.29 -4.90
N PHE B 391 37.06 23.17 -4.67
CA PHE B 391 37.97 22.96 -3.54
C PHE B 391 37.25 23.06 -2.20
N ARG B 392 36.22 23.90 -2.11
CA ARG B 392 35.43 23.96 -0.89
C ARG B 392 34.83 22.59 -0.59
N TYR B 393 34.30 21.91 -1.62
CA TYR B 393 33.68 20.61 -1.41
C TYR B 393 34.73 19.53 -1.15
N GLN B 394 35.95 19.71 -1.65
CA GLN B 394 37.03 18.78 -1.29
C GLN B 394 37.40 18.94 0.18
N GLN B 395 37.53 20.18 0.65
CA GLN B 395 37.82 20.41 2.06
C GLN B 395 36.71 19.87 2.95
N GLU B 396 35.48 19.97 2.52
CA GLU B 396 34.40 19.39 3.29
C GLU B 396 34.58 17.90 3.36
N LEU B 397 34.91 17.34 2.24
CA LEU B 397 34.97 15.92 2.14
C LEU B 397 35.94 15.45 3.13
N GLU B 398 36.98 16.24 3.36
CA GLU B 398 38.02 15.78 4.24
C GLU B 398 37.34 15.61 5.59
N GLU B 399 37.05 14.37 5.89
CA GLU B 399 36.29 13.99 7.09
C GLU B 399 37.00 12.90 7.88
N GLU B 400 37.27 13.17 9.16
CA GLU B 400 38.17 12.38 9.98
C GLU B 400 37.38 11.27 10.68
N ILE B 401 36.95 10.30 9.87
CA ILE B 401 36.27 9.18 10.53
C ILE B 401 37.31 8.30 11.20
#